data_6RTD
#
_entry.id   6RTD
#
_cell.length_a   191.382
_cell.length_b   54.590
_cell.length_c   132.135
_cell.angle_alpha   90.000
_cell.angle_beta   131.935
_cell.angle_gamma   90.000
#
_symmetry.space_group_name_H-M   'C 1 2 1'
#
loop_
_entity.id
_entity.type
_entity.pdbx_description
1 polymer 'Cytochrome c'
2 non-polymer (R,R)-2,3-BUTANEDIOL
3 non-polymer 'HEME D'
4 non-polymer 'HEME C'
5 water water
#
_entity_poly.entity_id   1
_entity_poly.type   'polypeptide(L)'
_entity_poly.pdbx_seq_one_letter_code
;MKYLLPTAAAGLLLLAAQPAMAMGWSHPQFEKASGEAPGEALYRQHCQACHGAGRLGGSGPTLLPESLSRLKPAQAREVI
LHGRPATQMAGFAGQLDDAAADALVAYLYQAPPREPQWSAEDIRASQVQPHPLATLPSRPRFEADPLNLFVVVESGDHHV
TILDGDRFEPIARFPSRYALHGGPKFSPDGRLVYFASRDGWVTLYDLYNLKVVAEVRAGLNTRNLAVSDDGRWVLVGNYL
PGNLVLLDARDLSLVQVIPAADAQGQASRVSAVYTAPPRHSFVVALKDVHELWELPYANGKPVAPKRLAVADYLDDFSFS
PDYRYLLGSSRQARGGEVIELDSGARVASIPLSGMPHLGSGIYWKRDGRWVFATPNISRGVISVIDLQNWKPLKEIVTDG
PGFFMRSHADSPYAWTDTFLGKKHDEILLIDKQTLEIAHRLRPSPGKVAGHVEFTRDGRYALLSVWDRDGALVVYDAHSL
EEVKRLPMNKPSGKYNVGNKIGYAEGTSH
;
_entity_poly.pdbx_strand_id   A,B
#
loop_
_chem_comp.id
_chem_comp.type
_chem_comp.name
_chem_comp.formula
BU3 non-polymer (R,R)-2,3-BUTANEDIOL 'C4 H10 O2'
DHE non-polymer 'HEME D' 'C34 H32 Fe N4 O10'
HEC non-polymer 'HEME C' 'C34 H34 Fe N4 O4'
#
# COMPACT_ATOMS: atom_id res chain seq x y z
N PRO A 38 -13.13 23.03 -42.99
CA PRO A 38 -14.45 22.43 -43.21
C PRO A 38 -14.61 21.08 -42.54
N GLY A 39 -13.49 20.40 -42.28
CA GLY A 39 -13.56 19.09 -41.63
C GLY A 39 -14.13 19.16 -40.24
N GLU A 40 -13.93 20.27 -39.54
CA GLU A 40 -14.42 20.40 -38.17
C GLU A 40 -15.94 20.20 -38.12
N ALA A 41 -16.68 20.92 -38.98
CA ALA A 41 -18.13 20.76 -39.01
C ALA A 41 -18.51 19.33 -39.37
N LEU A 42 -17.84 18.75 -40.38
CA LEU A 42 -18.10 17.36 -40.73
C LEU A 42 -17.88 16.44 -39.55
N TYR A 43 -16.80 16.68 -38.79
CA TYR A 43 -16.52 15.82 -37.64
C TYR A 43 -17.62 15.93 -36.60
N ARG A 44 -18.14 17.16 -36.38
CA ARG A 44 -19.15 17.37 -35.35
C ARG A 44 -20.47 16.68 -35.69
N GLN A 45 -20.77 16.51 -36.97
CA GLN A 45 -22.06 15.97 -37.39
C GLN A 45 -22.06 14.45 -37.49
N HIS A 46 -20.92 13.83 -37.81
CA HIS A 46 -20.89 12.40 -38.10
C HIS A 46 -19.95 11.59 -37.21
N CYS A 47 -18.98 12.22 -36.56
CA CYS A 47 -17.92 11.50 -35.86
C CYS A 47 -17.95 11.68 -34.35
N GLN A 48 -18.22 12.89 -33.87
CA GLN A 48 -18.18 13.18 -32.44
C GLN A 48 -19.10 12.28 -31.62
N ALA A 49 -20.02 11.57 -32.25
CA ALA A 49 -20.91 10.66 -31.53
C ALA A 49 -20.15 9.54 -30.84
N CYS A 50 -18.92 9.25 -31.27
CA CYS A 50 -18.17 8.14 -30.68
C CYS A 50 -16.72 8.52 -30.40
N HIS A 51 -16.09 9.25 -31.33
CA HIS A 51 -14.70 9.65 -31.14
C HIS A 51 -14.56 10.87 -30.25
N GLY A 52 -15.65 11.37 -29.68
CA GLY A 52 -15.59 12.34 -28.61
C GLY A 52 -15.27 13.75 -29.08
N ALA A 53 -15.62 14.71 -28.23
CA ALA A 53 -15.33 16.11 -28.52
C ALA A 53 -13.84 16.35 -28.53
N GLY A 54 -13.38 17.19 -29.45
CA GLY A 54 -11.96 17.43 -29.59
C GLY A 54 -11.16 16.22 -29.98
N ARG A 55 -11.82 15.13 -30.38
CA ARG A 55 -11.18 13.91 -30.85
C ARG A 55 -10.48 13.14 -29.74
N LEU A 56 -10.90 13.33 -28.48
CA LEU A 56 -10.20 12.71 -27.35
C LEU A 56 -10.61 11.26 -27.12
N GLY A 57 -11.73 10.82 -27.68
CA GLY A 57 -12.15 9.44 -27.58
C GLY A 57 -13.53 9.29 -26.97
N GLY A 58 -14.03 8.07 -27.07
CA GLY A 58 -15.34 7.71 -26.53
C GLY A 58 -15.67 6.28 -26.86
N SER A 59 -16.91 6.03 -27.32
CA SER A 59 -17.24 4.71 -27.85
C SER A 59 -16.19 4.24 -28.85
N GLY A 60 -15.65 5.17 -29.63
CA GLY A 60 -14.57 4.87 -30.54
C GLY A 60 -13.26 5.45 -30.04
N PRO A 61 -12.16 5.11 -30.72
CA PRO A 61 -10.84 5.49 -30.21
C PRO A 61 -10.53 6.96 -30.41
N THR A 62 -9.40 7.36 -29.82
CA THR A 62 -8.90 8.72 -29.95
C THR A 62 -8.36 8.96 -31.36
N LEU A 63 -8.64 10.15 -31.90
CA LEU A 63 -8.29 10.47 -33.29
C LEU A 63 -7.43 11.72 -33.38
N LEU A 64 -6.47 11.87 -32.48
CA LEU A 64 -5.50 12.94 -32.60
C LEU A 64 -4.37 12.52 -33.53
N PRO A 65 -3.60 13.49 -34.04
CA PRO A 65 -2.45 13.12 -34.89
C PRO A 65 -1.53 12.09 -34.26
N GLU A 66 -1.24 12.24 -32.97
CA GLU A 66 -0.40 11.25 -32.28
C GLU A 66 -1.07 9.88 -32.27
N SER A 67 -2.40 9.85 -32.15
CA SER A 67 -3.11 8.57 -32.08
C SER A 67 -2.96 7.78 -33.39
N LEU A 68 -2.93 8.49 -34.52
CA LEU A 68 -2.92 7.85 -35.83
C LEU A 68 -1.53 7.75 -36.43
N SER A 69 -0.48 7.88 -35.61
CA SER A 69 0.88 7.82 -36.12
C SER A 69 1.18 6.52 -36.86
N ARG A 70 0.44 5.46 -36.56
CA ARG A 70 0.64 4.16 -37.18
CA ARG A 70 0.64 4.16 -37.19
C ARG A 70 -0.32 3.91 -38.34
N LEU A 71 -1.17 4.89 -38.67
CA LEU A 71 -2.20 4.74 -39.70
C LEU A 71 -1.95 5.78 -40.79
N LYS A 72 -1.69 5.31 -42.01
CA LYS A 72 -1.47 6.23 -43.11
C LYS A 72 -2.77 6.95 -43.47
N PRO A 73 -2.71 8.23 -43.85
CA PRO A 73 -3.95 8.93 -44.22
C PRO A 73 -4.78 8.18 -45.25
N ALA A 74 -4.14 7.60 -46.26
CA ALA A 74 -4.89 6.84 -47.27
C ALA A 74 -5.65 5.69 -46.61
N GLN A 75 -5.06 5.06 -45.60
CA GLN A 75 -5.74 4.00 -44.88
C GLN A 75 -6.88 4.56 -44.03
N ALA A 76 -6.61 5.67 -43.31
CA ALA A 76 -7.67 6.34 -42.59
C ALA A 76 -8.80 6.75 -43.52
N ARG A 77 -8.48 7.09 -44.76
CA ARG A 77 -9.51 7.47 -45.73
C ARG A 77 -10.40 6.29 -46.07
N GLU A 78 -9.79 5.12 -46.33
CA GLU A 78 -10.57 3.92 -46.64
C GLU A 78 -11.45 3.51 -45.45
N VAL A 79 -10.90 3.58 -44.24
CA VAL A 79 -11.68 3.20 -43.06
C VAL A 79 -12.89 4.11 -42.92
N ILE A 80 -12.75 5.39 -43.27
CA ILE A 80 -13.88 6.31 -43.17
C ILE A 80 -14.95 5.97 -44.20
N LEU A 81 -14.53 5.75 -45.45
CA LEU A 81 -15.50 5.53 -46.52
C LEU A 81 -16.20 4.20 -46.39
N HIS A 82 -15.43 3.13 -46.14
CA HIS A 82 -15.97 1.77 -46.19
C HIS A 82 -15.96 1.05 -44.85
N GLY A 83 -15.51 1.70 -43.78
CA GLY A 83 -15.64 1.14 -42.44
C GLY A 83 -14.70 -0.02 -42.18
N ARG A 84 -14.80 -0.53 -40.94
CA ARG A 84 -14.01 -1.69 -40.52
C ARG A 84 -14.92 -2.90 -40.39
N PRO A 85 -14.53 -4.04 -40.95
CA PRO A 85 -15.40 -5.22 -40.86
C PRO A 85 -15.45 -5.76 -39.44
N ALA A 86 -16.66 -6.13 -39.01
CA ALA A 86 -16.89 -6.74 -37.71
C ALA A 86 -16.67 -5.78 -36.55
N THR A 87 -16.63 -4.48 -36.82
CA THR A 87 -16.52 -3.46 -35.77
C THR A 87 -17.74 -2.56 -35.81
N GLN A 88 -17.79 -1.63 -34.86
CA GLN A 88 -18.85 -0.63 -34.82
C GLN A 88 -18.51 0.58 -35.68
N MET A 89 -17.37 0.58 -36.36
CA MET A 89 -17.00 1.64 -37.30
C MET A 89 -17.62 1.31 -38.65
N ALA A 90 -18.67 2.03 -39.02
CA ALA A 90 -19.34 1.82 -40.30
C ALA A 90 -18.76 2.75 -41.36
N GLY A 91 -19.00 2.37 -42.62
CA GLY A 91 -18.54 3.19 -43.73
C GLY A 91 -19.47 4.36 -43.97
N PHE A 92 -18.88 5.49 -44.38
CA PHE A 92 -19.62 6.73 -44.62
C PHE A 92 -19.61 7.14 -46.08
N ALA A 93 -19.24 6.22 -46.98
CA ALA A 93 -19.21 6.54 -48.40
C ALA A 93 -20.57 7.01 -48.91
N GLY A 94 -21.66 6.62 -48.25
CA GLY A 94 -22.99 7.02 -48.70
C GLY A 94 -23.38 8.43 -48.30
N GLN A 95 -22.73 9.00 -47.29
CA GLN A 95 -23.06 10.34 -46.83
C GLN A 95 -21.98 11.37 -47.16
N LEU A 96 -20.81 10.94 -47.61
CA LEU A 96 -19.68 11.83 -47.87
C LEU A 96 -19.12 11.56 -49.25
N ASP A 97 -18.70 12.62 -49.93
CA ASP A 97 -18.07 12.52 -51.23
C ASP A 97 -16.55 12.64 -51.08
N ASP A 98 -15.85 12.80 -52.20
CA ASP A 98 -14.39 12.85 -52.16
C ASP A 98 -13.90 14.10 -51.44
N ALA A 99 -14.48 15.25 -51.73
CA ALA A 99 -14.06 16.50 -51.09
C ALA A 99 -14.25 16.41 -49.58
N ALA A 100 -15.44 15.98 -49.13
CA ALA A 100 -15.68 15.83 -47.70
C ALA A 100 -14.77 14.78 -47.10
N ALA A 101 -14.50 13.71 -47.85
CA ALA A 101 -13.60 12.66 -47.36
C ALA A 101 -12.22 13.22 -47.07
N ASP A 102 -11.64 13.93 -48.04
CA ASP A 102 -10.32 14.50 -47.84
C ASP A 102 -10.32 15.54 -46.73
N ALA A 103 -11.42 16.27 -46.57
CA ALA A 103 -11.51 17.29 -45.52
C ALA A 103 -11.41 16.65 -44.14
N LEU A 104 -12.12 15.54 -43.92
CA LEU A 104 -12.04 14.84 -42.64
C LEU A 104 -10.64 14.32 -42.40
N VAL A 105 -10.03 13.69 -43.41
CA VAL A 105 -8.69 13.14 -43.25
C VAL A 105 -7.71 14.24 -42.87
N ALA A 106 -7.70 15.34 -43.62
CA ALA A 106 -6.83 16.46 -43.30
C ALA A 106 -7.11 16.98 -41.91
N TYR A 107 -8.38 17.03 -41.51
CA TYR A 107 -8.73 17.51 -40.17
C TYR A 107 -8.17 16.60 -39.09
N LEU A 108 -8.24 15.28 -39.30
CA LEU A 108 -7.77 14.35 -38.27
C LEU A 108 -6.26 14.44 -38.09
N TYR A 109 -5.52 14.65 -39.17
CA TYR A 109 -4.07 14.64 -39.12
C TYR A 109 -3.46 16.02 -38.91
N GLN A 110 -4.26 17.09 -38.98
CA GLN A 110 -3.76 18.43 -38.72
C GLN A 110 -3.66 18.66 -37.22
N ALA A 111 -2.59 19.33 -36.81
CA ALA A 111 -2.42 19.65 -35.39
C ALA A 111 -3.44 20.71 -34.97
N PRO A 112 -4.06 20.57 -33.80
CA PRO A 112 -5.03 21.58 -33.37
C PRO A 112 -4.35 22.92 -33.14
N PRO A 113 -5.12 24.01 -33.13
CA PRO A 113 -4.51 25.33 -32.89
C PRO A 113 -3.80 25.42 -31.55
N ARG A 114 -4.25 24.65 -30.56
CA ARG A 114 -3.56 24.56 -29.29
C ARG A 114 -3.52 23.11 -28.84
N GLU A 115 -2.43 22.75 -28.17
CA GLU A 115 -2.24 21.37 -27.75
C GLU A 115 -3.30 20.99 -26.72
N PRO A 116 -3.97 19.85 -26.86
CA PRO A 116 -4.97 19.46 -25.86
C PRO A 116 -4.34 19.12 -24.52
N GLN A 117 -5.06 19.45 -23.46
CA GLN A 117 -4.60 19.23 -22.09
C GLN A 117 -5.20 17.95 -21.52
N TRP A 118 -4.58 17.45 -20.45
CA TRP A 118 -5.15 16.39 -19.63
C TRP A 118 -4.58 16.57 -18.22
N SER A 119 -5.34 17.25 -17.37
CA SER A 119 -4.84 17.71 -16.09
C SER A 119 -5.12 16.69 -14.99
N ALA A 120 -4.61 16.99 -13.79
CA ALA A 120 -4.90 16.18 -12.63
C ALA A 120 -6.41 16.04 -12.42
N GLU A 121 -7.16 17.13 -12.62
CA GLU A 121 -8.61 17.06 -12.50
C GLU A 121 -9.20 16.10 -13.52
N ASP A 122 -8.72 16.14 -14.77
CA ASP A 122 -9.19 15.19 -15.78
C ASP A 122 -8.93 13.75 -15.34
N ILE A 123 -7.73 13.49 -14.82
CA ILE A 123 -7.38 12.13 -14.42
C ILE A 123 -8.31 11.65 -13.31
N ARG A 124 -8.41 12.43 -12.23
CA ARG A 124 -9.23 12.00 -11.09
C ARG A 124 -10.67 11.77 -11.51
N ALA A 125 -11.19 12.60 -12.41
CA ALA A 125 -12.60 12.47 -12.81
C ALA A 125 -12.83 11.17 -13.59
N SER A 126 -11.81 10.67 -14.27
CA SER A 126 -11.95 9.45 -15.07
C SER A 126 -11.89 8.18 -14.24
N GLN A 127 -11.47 8.26 -12.98
CA GLN A 127 -11.27 7.06 -12.18
C GLN A 127 -12.59 6.33 -11.97
N VAL A 128 -12.58 5.02 -12.19
CA VAL A 128 -13.70 4.15 -11.85
C VAL A 128 -13.16 2.97 -11.05
N GLN A 129 -14.01 2.42 -10.19
CA GLN A 129 -13.64 1.31 -9.31
C GLN A 129 -14.79 0.32 -9.23
N PRO A 130 -14.93 -0.55 -10.24
CA PRO A 130 -16.04 -1.50 -10.22
C PRO A 130 -15.94 -2.51 -9.08
N HIS A 131 -14.73 -2.90 -8.67
CA HIS A 131 -14.55 -3.90 -7.60
C HIS A 131 -13.32 -3.55 -6.80
N PRO A 132 -13.46 -2.68 -5.80
CA PRO A 132 -12.30 -2.34 -4.95
C PRO A 132 -11.74 -3.56 -4.24
N LEU A 133 -10.41 -3.63 -4.18
CA LEU A 133 -9.75 -4.74 -3.50
C LEU A 133 -10.27 -4.92 -2.09
N ALA A 134 -10.51 -3.82 -1.37
CA ALA A 134 -10.98 -3.90 0.01
C ALA A 134 -12.25 -4.73 0.16
N THR A 135 -13.02 -4.90 -0.92
CA THR A 135 -14.27 -5.64 -0.86
C THR A 135 -14.15 -7.05 -1.42
N LEU A 136 -12.98 -7.44 -1.91
CA LEU A 136 -12.80 -8.74 -2.55
C LEU A 136 -11.95 -9.66 -1.68
N PRO A 137 -12.29 -10.95 -1.58
CA PRO A 137 -11.42 -11.89 -0.87
C PRO A 137 -10.06 -11.97 -1.53
N SER A 138 -9.14 -12.65 -0.86
CA SER A 138 -7.76 -12.77 -1.33
C SER A 138 -7.40 -14.20 -1.71
N ARG A 139 -8.39 -15.03 -2.02
CA ARG A 139 -8.14 -16.40 -2.41
C ARG A 139 -8.59 -16.64 -3.85
N PRO A 140 -7.83 -17.39 -4.64
CA PRO A 140 -8.26 -17.67 -6.01
C PRO A 140 -9.61 -18.39 -6.04
N ARG A 141 -10.44 -18.01 -7.00
CA ARG A 141 -11.75 -18.62 -7.19
C ARG A 141 -11.70 -19.77 -8.21
N PHE A 142 -10.56 -20.40 -8.39
CA PHE A 142 -10.40 -21.38 -9.45
C PHE A 142 -9.34 -22.41 -9.05
N GLU A 143 -9.28 -23.50 -9.82
CA GLU A 143 -8.35 -24.57 -9.56
C GLU A 143 -6.95 -24.27 -10.10
N ALA A 144 -6.87 -23.56 -11.23
CA ALA A 144 -5.61 -23.44 -11.96
C ALA A 144 -4.51 -22.88 -11.06
N ASP A 145 -3.28 -23.28 -11.37
CA ASP A 145 -2.11 -22.79 -10.66
C ASP A 145 -1.95 -21.30 -10.95
N PRO A 146 -2.19 -20.40 -9.98
CA PRO A 146 -2.12 -18.96 -10.28
C PRO A 146 -0.75 -18.51 -10.77
N LEU A 147 0.31 -19.27 -10.49
CA LEU A 147 1.64 -18.90 -10.93
C LEU A 147 1.95 -19.35 -12.35
N ASN A 148 1.10 -20.14 -12.97
CA ASN A 148 1.30 -20.58 -14.35
C ASN A 148 0.24 -20.04 -15.29
N LEU A 149 -0.59 -19.09 -14.83
CA LEU A 149 -1.59 -18.49 -15.70
C LEU A 149 -0.93 -17.64 -16.79
N PHE A 150 -1.59 -17.58 -17.94
CA PHE A 150 -1.19 -16.70 -19.04
C PHE A 150 -2.21 -15.58 -19.19
N VAL A 151 -1.71 -14.36 -19.34
CA VAL A 151 -2.53 -13.23 -19.78
C VAL A 151 -2.33 -13.11 -21.29
N VAL A 152 -3.41 -13.32 -22.06
CA VAL A 152 -3.34 -13.35 -23.51
C VAL A 152 -4.11 -12.17 -24.07
N VAL A 153 -3.45 -11.34 -24.87
CA VAL A 153 -4.06 -10.17 -25.46
C VAL A 153 -4.62 -10.53 -26.82
N GLU A 154 -5.91 -10.29 -27.02
CA GLU A 154 -6.58 -10.50 -28.31
C GLU A 154 -6.87 -9.12 -28.89
N SER A 155 -5.90 -8.58 -29.64
CA SER A 155 -5.99 -7.21 -30.11
C SER A 155 -6.92 -7.05 -31.32
N GLY A 156 -7.36 -8.14 -31.93
CA GLY A 156 -8.24 -8.03 -33.08
C GLY A 156 -9.63 -7.54 -32.69
N ASP A 157 -10.20 -8.15 -31.66
CA ASP A 157 -11.50 -7.74 -31.13
C ASP A 157 -11.38 -7.10 -29.76
N HIS A 158 -10.16 -6.85 -29.29
CA HIS A 158 -9.92 -6.10 -28.06
C HIS A 158 -10.50 -6.83 -26.85
N HIS A 159 -9.97 -8.02 -26.61
CA HIS A 159 -10.32 -8.83 -25.45
C HIS A 159 -9.03 -9.34 -24.80
N VAL A 160 -9.17 -9.84 -23.58
CA VAL A 160 -8.08 -10.47 -22.86
C VAL A 160 -8.58 -11.81 -22.34
N THR A 161 -7.77 -12.85 -22.52
CA THR A 161 -8.08 -14.18 -22.03
C THR A 161 -7.12 -14.54 -20.92
N ILE A 162 -7.65 -15.05 -19.81
CA ILE A 162 -6.86 -15.62 -18.74
C ILE A 162 -6.83 -17.13 -18.97
N LEU A 163 -5.64 -17.68 -19.17
CA LEU A 163 -5.49 -19.05 -19.64
C LEU A 163 -4.81 -19.91 -18.58
N ASP A 164 -5.37 -21.09 -18.34
CA ASP A 164 -4.71 -22.09 -17.50
C ASP A 164 -3.46 -22.58 -18.22
N GLY A 165 -2.30 -22.34 -17.62
CA GLY A 165 -1.04 -22.67 -18.26
C GLY A 165 -0.71 -24.15 -18.31
N ASP A 166 -1.48 -24.99 -17.62
CA ASP A 166 -1.29 -26.43 -17.64
C ASP A 166 -2.29 -27.14 -18.53
N ARG A 167 -3.57 -26.76 -18.46
CA ARG A 167 -4.57 -27.29 -19.37
C ARG A 167 -4.64 -26.52 -20.68
N PHE A 168 -4.12 -25.29 -20.71
CA PHE A 168 -4.17 -24.47 -21.92
C PHE A 168 -5.60 -24.19 -22.35
N GLU A 169 -6.47 -23.97 -21.38
CA GLU A 169 -7.87 -23.64 -21.61
C GLU A 169 -8.21 -22.35 -20.89
N PRO A 170 -9.25 -21.63 -21.33
CA PRO A 170 -9.56 -20.33 -20.71
C PRO A 170 -10.37 -20.46 -19.44
N ILE A 171 -10.01 -19.66 -18.44
CA ILE A 171 -10.78 -19.54 -17.21
C ILE A 171 -11.49 -18.20 -17.10
N ALA A 172 -11.28 -17.30 -18.05
CA ALA A 172 -11.94 -16.00 -18.05
C ALA A 172 -11.60 -15.27 -19.34
N ARG A 173 -12.53 -14.43 -19.78
CA ARG A 173 -12.33 -13.59 -20.95
C ARG A 173 -13.19 -12.34 -20.77
N PHE A 174 -12.61 -11.17 -21.04
CA PHE A 174 -13.32 -9.92 -20.83
C PHE A 174 -12.87 -8.90 -21.84
N PRO A 175 -13.73 -7.97 -22.23
CA PRO A 175 -13.31 -6.92 -23.17
C PRO A 175 -12.32 -5.98 -22.51
N SER A 176 -11.45 -5.41 -23.33
CA SER A 176 -10.40 -4.51 -22.86
C SER A 176 -10.59 -3.13 -23.46
N ARG A 177 -9.83 -2.18 -22.93
CA ARG A 177 -9.72 -0.89 -23.58
C ARG A 177 -9.11 -1.06 -24.97
N TYR A 178 -9.30 -0.05 -25.81
CA TYR A 178 -8.86 -0.13 -27.20
C TYR A 178 -7.35 -0.04 -27.31
N ALA A 179 -6.77 -0.92 -28.13
CA ALA A 179 -5.36 -0.87 -28.52
C ALA A 179 -4.45 -0.93 -27.29
N LEU A 180 -4.41 -2.11 -26.68
CA LEU A 180 -3.43 -2.39 -25.64
C LEU A 180 -2.06 -2.57 -26.28
N HIS A 181 -1.05 -1.94 -25.70
CA HIS A 181 0.32 -2.06 -26.18
C HIS A 181 1.25 -2.11 -24.98
N GLY A 182 2.40 -2.74 -25.18
CA GLY A 182 3.32 -2.98 -24.10
C GLY A 182 2.90 -4.16 -23.23
N GLY A 183 3.87 -4.74 -22.56
CA GLY A 183 3.62 -5.88 -21.71
C GLY A 183 2.85 -5.46 -20.47
N PRO A 184 1.74 -6.15 -20.16
CA PRO A 184 1.08 -5.89 -18.89
C PRO A 184 2.01 -6.19 -17.73
N LYS A 185 1.95 -5.35 -16.71
CA LYS A 185 2.80 -5.49 -15.55
C LYS A 185 2.03 -6.15 -14.41
N PHE A 186 2.75 -6.86 -13.56
CA PHE A 186 2.16 -7.61 -12.45
C PHE A 186 2.63 -7.04 -11.12
N SER A 187 1.87 -7.35 -10.08
CA SER A 187 2.33 -7.09 -8.72
C SER A 187 3.36 -8.13 -8.30
N PRO A 188 4.15 -7.84 -7.26
CA PRO A 188 5.22 -8.79 -6.87
C PRO A 188 4.73 -10.21 -6.63
N ASP A 189 3.52 -10.39 -6.10
CA ASP A 189 2.98 -11.71 -5.84
C ASP A 189 2.25 -12.32 -7.03
N GLY A 190 2.17 -11.60 -8.15
CA GLY A 190 1.54 -12.13 -9.35
C GLY A 190 0.02 -12.11 -9.35
N ARG A 191 -0.62 -11.54 -8.31
CA ARG A 191 -2.07 -11.54 -8.26
C ARG A 191 -2.67 -10.47 -9.17
N LEU A 192 -2.12 -9.26 -9.13
CA LEU A 192 -2.68 -8.13 -9.87
C LEU A 192 -1.90 -7.90 -11.16
N VAL A 193 -2.61 -7.38 -12.17
CA VAL A 193 -2.01 -7.09 -13.47
C VAL A 193 -2.50 -5.73 -13.94
N TYR A 194 -1.61 -4.98 -14.57
CA TYR A 194 -1.85 -3.58 -14.93
C TYR A 194 -1.69 -3.44 -16.44
N PHE A 195 -2.74 -2.97 -17.11
CA PHE A 195 -2.76 -2.78 -18.54
C PHE A 195 -2.67 -1.29 -18.88
N ALA A 196 -1.99 -0.98 -19.99
CA ALA A 196 -1.87 0.38 -20.50
C ALA A 196 -2.31 0.39 -21.95
N SER A 197 -3.24 1.30 -22.28
CA SER A 197 -3.74 1.42 -23.64
C SER A 197 -3.10 2.61 -24.33
N ARG A 198 -3.07 2.54 -25.67
CA ARG A 198 -2.50 3.63 -26.48
C ARG A 198 -3.17 4.96 -26.14
N ASP A 199 -4.47 4.94 -25.88
CA ASP A 199 -5.25 6.15 -25.66
C ASP A 199 -5.22 6.63 -24.21
N GLY A 200 -4.39 6.02 -23.37
CA GLY A 200 -4.13 6.55 -22.05
C GLY A 200 -4.86 5.89 -20.91
N TRP A 201 -5.64 4.85 -21.17
CA TRP A 201 -6.42 4.19 -20.13
C TRP A 201 -5.60 3.11 -19.44
N VAL A 202 -5.62 3.12 -18.11
CA VAL A 202 -4.93 2.13 -17.29
C VAL A 202 -5.97 1.27 -16.59
N THR A 203 -5.82 -0.04 -16.71
CA THR A 203 -6.77 -1.00 -16.14
C THR A 203 -6.06 -1.88 -15.13
N LEU A 204 -6.67 -2.03 -13.95
CA LEU A 204 -6.18 -2.91 -12.89
C LEU A 204 -7.13 -4.10 -12.77
N TYR A 205 -6.59 -5.30 -12.98
CA TYR A 205 -7.37 -6.53 -12.99
C TYR A 205 -6.88 -7.45 -11.89
N ASP A 206 -7.82 -8.10 -11.20
CA ASP A 206 -7.51 -9.02 -10.09
C ASP A 206 -7.63 -10.44 -10.61
N LEU A 207 -6.50 -11.15 -10.70
CA LEU A 207 -6.52 -12.50 -11.25
C LEU A 207 -7.22 -13.48 -10.32
N TYR A 208 -7.10 -13.30 -9.00
CA TYR A 208 -7.68 -14.25 -8.07
C TYR A 208 -9.21 -14.24 -8.14
N ASN A 209 -9.80 -13.06 -8.29
CA ASN A 209 -11.25 -12.95 -8.39
C ASN A 209 -11.75 -12.74 -9.81
N LEU A 210 -10.84 -12.58 -10.78
CA LEU A 210 -11.21 -12.46 -12.19
C LEU A 210 -12.20 -11.30 -12.40
N LYS A 211 -11.81 -10.14 -11.90
CA LYS A 211 -12.65 -8.95 -11.94
C LYS A 211 -11.79 -7.72 -12.16
N VAL A 212 -12.33 -6.76 -12.90
CA VAL A 212 -11.69 -5.46 -13.03
C VAL A 212 -11.81 -4.73 -11.70
N VAL A 213 -10.68 -4.27 -11.17
CA VAL A 213 -10.66 -3.54 -9.90
C VAL A 213 -10.90 -2.06 -10.12
N ALA A 214 -10.11 -1.43 -10.99
CA ALA A 214 -10.21 0.00 -11.21
C ALA A 214 -9.67 0.35 -12.59
N GLU A 215 -10.03 1.54 -13.04
CA GLU A 215 -9.50 2.09 -14.28
C GLU A 215 -9.36 3.59 -14.15
N VAL A 216 -8.41 4.16 -14.88
CA VAL A 216 -8.20 5.60 -14.89
C VAL A 216 -7.50 5.96 -16.17
N ARG A 217 -7.79 7.15 -16.69
CA ARG A 217 -7.13 7.67 -17.88
C ARG A 217 -6.01 8.60 -17.43
N ALA A 218 -4.77 8.14 -17.58
CA ALA A 218 -3.61 8.91 -17.15
C ALA A 218 -3.15 9.93 -18.17
N GLY A 219 -3.50 9.74 -19.44
CA GLY A 219 -3.10 10.69 -20.47
C GLY A 219 -3.92 10.50 -21.73
N LEU A 220 -3.47 11.17 -22.79
CA LEU A 220 -4.12 11.08 -24.10
C LEU A 220 -3.39 10.18 -25.07
N ASN A 221 -2.07 10.15 -25.01
CA ASN A 221 -1.25 9.24 -25.83
C ASN A 221 -0.16 8.69 -24.92
N THR A 222 -0.20 7.38 -24.67
CA THR A 222 0.64 6.76 -23.66
C THR A 222 1.60 5.75 -24.28
N ARG A 223 2.79 5.68 -23.69
CA ARG A 223 3.81 4.72 -24.13
C ARG A 223 3.69 3.42 -23.34
N ASN A 224 4.05 3.45 -22.06
CA ASN A 224 3.99 2.26 -21.23
C ASN A 224 3.90 2.70 -19.77
N LEU A 225 3.74 1.72 -18.89
CA LEU A 225 3.71 1.95 -17.46
C LEU A 225 4.64 0.95 -16.77
N ALA A 226 5.01 1.28 -15.53
CA ALA A 226 5.89 0.43 -14.74
C ALA A 226 5.33 0.35 -13.32
N VAL A 227 5.52 -0.80 -12.70
CA VAL A 227 5.09 -1.05 -11.33
C VAL A 227 6.33 -1.17 -10.46
N SER A 228 6.32 -0.47 -9.32
CA SER A 228 7.45 -0.53 -8.41
C SER A 228 7.55 -1.94 -7.81
N ASP A 229 8.78 -2.32 -7.47
CA ASP A 229 9.03 -3.68 -7.00
C ASP A 229 8.48 -3.95 -5.61
N ASP A 230 8.06 -2.93 -4.87
CA ASP A 230 7.34 -3.14 -3.61
C ASP A 230 5.83 -3.15 -3.80
N GLY A 231 5.35 -2.97 -5.02
CA GLY A 231 3.93 -3.04 -5.32
C GLY A 231 3.13 -1.78 -5.04
N ARG A 232 3.77 -0.70 -4.58
CA ARG A 232 3.01 0.46 -4.14
C ARG A 232 2.62 1.39 -5.28
N TRP A 233 3.44 1.51 -6.32
CA TRP A 233 3.31 2.60 -7.27
C TRP A 233 3.16 2.11 -8.69
N VAL A 234 2.41 2.87 -9.48
CA VAL A 234 2.36 2.76 -10.93
C VAL A 234 2.84 4.09 -11.50
N LEU A 235 3.78 4.03 -12.44
CA LEU A 235 4.29 5.22 -13.11
C LEU A 235 4.00 5.10 -14.59
N VAL A 236 3.20 6.03 -15.11
CA VAL A 236 2.77 6.01 -16.51
C VAL A 236 3.58 7.04 -17.29
N GLY A 237 4.17 6.61 -18.40
CA GLY A 237 4.93 7.49 -19.26
C GLY A 237 4.15 7.85 -20.50
N ASN A 238 3.84 9.15 -20.63
CA ASN A 238 2.98 9.63 -21.69
C ASN A 238 3.78 10.40 -22.75
N TYR A 239 3.31 10.30 -24.00
CA TYR A 239 3.71 11.25 -25.04
C TYR A 239 2.91 12.54 -24.91
N LEU A 240 1.59 12.42 -24.79
CA LEU A 240 0.69 13.57 -24.75
C LEU A 240 -0.22 13.44 -23.54
N PRO A 241 -0.13 14.35 -22.55
CA PRO A 241 0.88 15.39 -22.45
C PRO A 241 2.27 14.79 -22.30
N GLY A 242 3.32 15.61 -22.37
CA GLY A 242 4.66 15.14 -22.09
C GLY A 242 4.92 15.11 -20.59
N ASN A 243 4.52 14.02 -19.93
CA ASN A 243 4.63 13.97 -18.47
C ASN A 243 4.73 12.52 -18.01
N LEU A 244 4.96 12.37 -16.71
CA LEU A 244 4.78 11.13 -15.99
C LEU A 244 3.57 11.26 -15.08
N VAL A 245 2.86 10.16 -14.89
CA VAL A 245 1.67 10.13 -14.04
C VAL A 245 1.86 9.04 -12.99
N LEU A 246 1.93 9.43 -11.73
CA LEU A 246 2.13 8.51 -10.63
C LEU A 246 0.78 8.15 -10.01
N LEU A 247 0.49 6.86 -9.94
CA LEU A 247 -0.76 6.36 -9.39
C LEU A 247 -0.49 5.45 -8.21
N ASP A 248 -1.44 5.41 -7.28
CA ASP A 248 -1.42 4.40 -6.22
C ASP A 248 -1.76 3.04 -6.84
N ALA A 249 -0.89 2.06 -6.62
CA ALA A 249 -1.04 0.77 -7.29
C ALA A 249 -2.23 -0.04 -6.78
N ARG A 250 -2.88 0.37 -5.69
CA ARG A 250 -3.97 -0.39 -5.12
C ARG A 250 -5.33 -0.01 -5.68
N ASP A 251 -5.49 1.23 -6.16
CA ASP A 251 -6.78 1.68 -6.68
C ASP A 251 -6.65 2.60 -7.89
N LEU A 252 -5.45 2.75 -8.46
CA LEU A 252 -5.21 3.62 -9.61
C LEU A 252 -5.59 5.07 -9.34
N SER A 253 -5.71 5.46 -8.09
CA SER A 253 -5.94 6.86 -7.75
C SER A 253 -4.69 7.68 -8.09
N LEU A 254 -4.89 8.97 -8.30
CA LEU A 254 -3.80 9.86 -8.69
C LEU A 254 -3.00 10.28 -7.47
N VAL A 255 -1.68 10.14 -7.56
CA VAL A 255 -0.77 10.65 -6.55
C VAL A 255 -0.18 12.00 -6.96
N GLN A 256 0.39 12.08 -8.16
CA GLN A 256 0.98 13.33 -8.61
C GLN A 256 1.25 13.26 -10.11
N VAL A 257 1.12 14.41 -10.77
CA VAL A 257 1.47 14.58 -12.17
C VAL A 257 2.84 15.25 -12.24
N ILE A 258 3.77 14.62 -12.96
CA ILE A 258 5.15 15.10 -13.04
C ILE A 258 5.43 15.55 -14.47
N PRO A 259 5.46 16.85 -14.74
CA PRO A 259 5.79 17.29 -16.11
C PRO A 259 7.17 16.81 -16.51
N ALA A 260 7.31 16.51 -17.79
CA ALA A 260 8.58 16.03 -18.36
C ALA A 260 9.26 17.21 -19.05
N ALA A 261 10.33 17.71 -18.44
CA ALA A 261 11.08 18.81 -19.01
C ALA A 261 12.48 18.79 -18.41
N ASP A 262 13.48 19.15 -19.22
CA ASP A 262 14.86 19.14 -18.74
C ASP A 262 15.07 20.28 -17.75
N ALA A 263 16.29 20.38 -17.24
CA ALA A 263 16.60 21.40 -16.25
C ALA A 263 16.47 22.80 -16.82
N GLN A 264 16.53 22.96 -18.14
CA GLN A 264 16.35 24.26 -18.77
C GLN A 264 14.88 24.60 -18.99
N GLY A 265 13.96 23.67 -18.72
CA GLY A 265 12.55 23.90 -18.90
C GLY A 265 11.99 23.47 -20.24
N GLN A 266 12.79 22.82 -21.09
CA GLN A 266 12.31 22.40 -22.40
C GLN A 266 11.44 21.16 -22.27
N ALA A 267 10.23 21.23 -22.82
CA ALA A 267 9.27 20.14 -22.70
C ALA A 267 9.73 18.93 -23.50
N SER A 268 9.30 17.75 -23.05
CA SER A 268 9.71 16.51 -23.69
C SER A 268 8.63 15.45 -23.51
N ARG A 269 8.53 14.57 -24.50
CA ARG A 269 7.75 13.35 -24.36
C ARG A 269 8.56 12.32 -23.58
N VAL A 270 7.84 11.39 -22.96
CA VAL A 270 8.47 10.25 -22.28
C VAL A 270 8.56 9.09 -23.26
N SER A 271 9.77 8.59 -23.48
CA SER A 271 9.96 7.46 -24.39
C SER A 271 9.49 6.16 -23.74
N ALA A 272 9.89 5.92 -22.49
CA ALA A 272 9.51 4.70 -21.79
C ALA A 272 9.91 4.81 -20.33
N VAL A 273 9.23 4.04 -19.49
CA VAL A 273 9.54 3.93 -18.07
C VAL A 273 9.76 2.47 -17.72
N TYR A 274 10.77 2.20 -16.90
CA TYR A 274 11.07 0.84 -16.48
C TYR A 274 11.42 0.83 -14.99
N THR A 275 11.26 -0.33 -14.37
CA THR A 275 11.56 -0.52 -12.96
C THR A 275 12.92 -1.19 -12.82
N ALA A 276 13.74 -0.67 -11.89
CA ALA A 276 15.02 -1.26 -11.52
C ALA A 276 14.89 -1.79 -10.10
N PRO A 277 14.43 -3.02 -9.89
CA PRO A 277 14.14 -3.51 -8.53
C PRO A 277 15.32 -3.31 -7.59
N PRO A 278 16.51 -3.82 -7.90
CA PRO A 278 17.61 -3.71 -6.94
C PRO A 278 17.93 -2.26 -6.56
N ARG A 279 17.62 -1.31 -7.44
CA ARG A 279 17.77 0.10 -7.12
C ARG A 279 16.51 0.69 -6.51
N HIS A 280 15.42 -0.07 -6.45
CA HIS A 280 14.15 0.41 -5.93
C HIS A 280 13.80 1.77 -6.52
N SER A 281 13.86 1.85 -7.85
CA SER A 281 13.62 3.11 -8.54
C SER A 281 12.98 2.86 -9.89
N PHE A 282 12.36 3.90 -10.42
CA PHE A 282 11.95 3.95 -11.82
C PHE A 282 13.02 4.66 -12.64
N VAL A 283 13.20 4.19 -13.86
CA VAL A 283 14.14 4.81 -14.80
C VAL A 283 13.37 5.22 -16.04
N VAL A 284 13.48 6.49 -16.41
CA VAL A 284 12.65 7.10 -17.45
C VAL A 284 13.55 7.60 -18.57
N ALA A 285 13.25 7.18 -19.80
CA ALA A 285 13.92 7.68 -20.98
C ALA A 285 13.08 8.81 -21.58
N LEU A 286 13.74 9.91 -21.94
CA LEU A 286 13.07 11.08 -22.48
C LEU A 286 13.36 11.21 -23.96
N LYS A 287 12.32 11.48 -24.74
CA LYS A 287 12.39 11.43 -26.19
C LYS A 287 13.10 12.65 -26.77
N ASP A 288 12.92 13.83 -26.17
CA ASP A 288 13.23 15.08 -26.84
C ASP A 288 14.27 15.94 -26.12
N VAL A 289 14.76 15.53 -24.97
CA VAL A 289 15.76 16.29 -24.24
C VAL A 289 16.96 15.39 -23.96
N HIS A 290 18.13 16.02 -23.79
CA HIS A 290 19.36 15.29 -23.53
C HIS A 290 19.46 14.93 -22.06
N GLU A 291 18.43 14.28 -21.52
CA GLU A 291 18.35 14.02 -20.09
C GLU A 291 17.80 12.62 -19.85
N LEU A 292 18.27 12.00 -18.77
CA LEU A 292 17.84 10.69 -18.31
C LEU A 292 17.47 10.79 -16.84
N TRP A 293 16.38 10.15 -16.44
CA TRP A 293 15.82 10.31 -15.11
C TRP A 293 15.82 9.00 -14.34
N GLU A 294 16.09 9.09 -13.04
CA GLU A 294 15.86 8.00 -12.10
C GLU A 294 15.06 8.53 -10.93
N LEU A 295 13.94 7.87 -10.63
CA LEU A 295 13.04 8.31 -9.57
C LEU A 295 12.99 7.26 -8.46
N PRO A 296 13.78 7.40 -7.40
CA PRO A 296 13.78 6.38 -6.35
C PRO A 296 12.51 6.43 -5.51
N TYR A 297 12.06 5.26 -5.08
CA TYR A 297 10.86 5.14 -4.26
C TYR A 297 11.10 4.35 -2.98
N ALA A 298 12.35 4.07 -2.61
CA ALA A 298 12.61 3.37 -1.36
C ALA A 298 12.06 4.17 -0.18
N ASN A 299 12.17 5.49 -0.22
CA ASN A 299 11.78 6.34 0.90
C ASN A 299 10.43 7.03 0.70
N GLY A 300 9.66 6.62 -0.30
CA GLY A 300 8.32 7.12 -0.45
C GLY A 300 7.98 7.36 -1.90
N LYS A 301 6.86 8.04 -2.09
CA LYS A 301 6.31 8.26 -3.42
C LYS A 301 7.37 8.91 -4.32
N PRO A 302 7.73 8.31 -5.45
CA PRO A 302 8.77 8.89 -6.31
C PRO A 302 8.27 10.08 -7.10
N VAL A 303 8.55 11.29 -6.62
CA VAL A 303 8.11 12.51 -7.27
C VAL A 303 9.25 13.46 -7.60
N ALA A 304 10.49 13.11 -7.25
CA ALA A 304 11.65 13.95 -7.51
C ALA A 304 12.67 13.19 -8.33
N PRO A 305 12.96 13.59 -9.56
CA PRO A 305 13.91 12.83 -10.39
C PRO A 305 15.35 13.22 -10.13
N LYS A 306 16.21 12.21 -10.25
CA LYS A 306 17.65 12.42 -10.36
C LYS A 306 18.01 12.52 -11.83
N ARG A 307 18.51 13.68 -12.25
CA ARG A 307 18.74 13.96 -13.66
C ARG A 307 20.15 13.55 -14.05
N LEU A 308 20.26 12.67 -15.04
CA LEU A 308 21.53 12.27 -15.61
C LEU A 308 21.61 12.78 -17.05
N ALA A 309 22.70 13.48 -17.36
CA ALA A 309 22.89 14.03 -18.71
C ALA A 309 23.35 12.94 -19.67
N VAL A 310 22.82 12.98 -20.88
CA VAL A 310 23.20 12.06 -21.95
C VAL A 310 23.57 12.88 -23.17
N ALA A 311 24.52 12.36 -23.95
CA ALA A 311 25.01 13.08 -25.12
C ALA A 311 24.05 13.00 -26.30
N ASP A 312 23.23 11.95 -26.37
CA ASP A 312 22.35 11.73 -27.49
C ASP A 312 21.01 11.21 -26.99
N TYR A 313 19.95 11.50 -27.75
CA TYR A 313 18.61 11.09 -27.35
C TYR A 313 18.50 9.57 -27.29
N LEU A 314 17.65 9.09 -26.39
CA LEU A 314 17.44 7.66 -26.18
C LEU A 314 15.97 7.32 -26.37
N ASP A 315 15.69 6.37 -27.26
CA ASP A 315 14.32 5.94 -27.53
C ASP A 315 13.89 4.78 -26.65
N ASP A 316 14.80 3.83 -26.38
CA ASP A 316 14.49 2.66 -25.58
C ASP A 316 15.80 2.13 -25.04
N PHE A 317 15.72 1.41 -23.92
CA PHE A 317 16.92 0.88 -23.31
C PHE A 317 16.63 -0.44 -22.61
N SER A 318 17.71 -1.15 -22.30
CA SER A 318 17.66 -2.44 -21.63
C SER A 318 18.62 -2.43 -20.45
N PHE A 319 18.25 -3.13 -19.39
CA PHE A 319 19.09 -3.23 -18.20
C PHE A 319 19.95 -4.48 -18.26
N SER A 320 21.22 -4.33 -17.88
CA SER A 320 22.06 -5.51 -17.71
C SER A 320 21.48 -6.38 -16.59
N PRO A 321 21.80 -7.68 -16.60
CA PRO A 321 21.19 -8.58 -15.60
C PRO A 321 21.31 -8.10 -14.16
N ASP A 322 22.34 -7.33 -13.83
CA ASP A 322 22.54 -6.84 -12.47
C ASP A 322 22.17 -5.36 -12.32
N TYR A 323 21.51 -4.78 -13.32
CA TYR A 323 21.02 -3.40 -13.26
C TYR A 323 22.14 -2.41 -12.93
N ARG A 324 23.39 -2.77 -13.26
CA ARG A 324 24.48 -1.82 -13.13
C ARG A 324 24.57 -0.90 -14.33
N TYR A 325 24.33 -1.45 -15.52
CA TYR A 325 24.50 -0.72 -16.76
C TYR A 325 23.18 -0.63 -17.50
N LEU A 326 23.09 0.38 -18.38
CA LEU A 326 21.91 0.63 -19.19
C LEU A 326 22.34 0.66 -20.65
N LEU A 327 21.79 -0.24 -21.45
CA LEU A 327 22.05 -0.29 -22.88
C LEU A 327 20.97 0.51 -23.60
N GLY A 328 21.35 1.64 -24.17
CA GLY A 328 20.41 2.56 -24.82
C GLY A 328 20.60 2.60 -26.32
N SER A 329 19.49 2.73 -27.04
CA SER A 329 19.49 2.85 -28.49
C SER A 329 19.17 4.29 -28.88
N SER A 330 20.00 4.87 -29.74
CA SER A 330 19.86 6.25 -30.15
C SER A 330 18.90 6.37 -31.32
N ARG A 331 18.11 7.45 -31.33
CA ARG A 331 17.25 7.72 -32.47
C ARG A 331 18.06 7.91 -33.74
N GLN A 332 19.18 8.62 -33.65
CA GLN A 332 20.10 8.74 -34.77
C GLN A 332 20.94 7.47 -34.88
N ALA A 333 21.30 7.13 -36.11
CA ALA A 333 22.07 5.92 -36.36
C ALA A 333 23.50 6.08 -35.87
N ARG A 334 23.67 6.34 -34.58
CA ARG A 334 24.99 6.47 -33.96
C ARG A 334 25.39 5.23 -33.19
N GLY A 335 24.65 4.13 -33.35
CA GLY A 335 24.93 2.92 -32.61
C GLY A 335 24.32 2.96 -31.22
N GLY A 336 24.60 1.90 -30.46
CA GLY A 336 24.13 1.82 -29.10
C GLY A 336 24.99 2.63 -28.14
N GLU A 337 24.51 2.73 -26.91
CA GLU A 337 25.21 3.45 -25.86
C GLU A 337 25.04 2.71 -24.54
N VAL A 338 26.14 2.56 -23.81
CA VAL A 338 26.15 1.89 -22.51
C VAL A 338 26.49 2.94 -21.46
N ILE A 339 25.69 2.98 -20.39
CA ILE A 339 25.83 3.99 -19.35
C ILE A 339 25.80 3.29 -17.99
N GLU A 340 26.75 3.65 -17.12
CA GLU A 340 26.73 3.19 -15.74
C GLU A 340 25.70 4.00 -14.96
N LEU A 341 24.75 3.31 -14.35
CA LEU A 341 23.62 3.99 -13.73
C LEU A 341 24.04 4.83 -12.53
N ASP A 342 24.92 4.29 -11.68
CA ASP A 342 25.35 5.02 -10.49
C ASP A 342 25.92 6.39 -10.87
N SER A 343 27.01 6.39 -11.63
CA SER A 343 27.68 7.64 -11.98
C SER A 343 26.99 8.35 -13.13
N GLY A 344 26.41 7.61 -14.07
CA GLY A 344 25.91 8.19 -15.30
C GLY A 344 26.94 8.30 -16.41
N ALA A 345 28.11 7.70 -16.23
CA ALA A 345 29.17 7.79 -17.23
C ALA A 345 28.89 6.85 -18.39
N ARG A 346 29.22 7.31 -19.60
CA ARG A 346 29.11 6.52 -20.80
C ARG A 346 30.36 5.67 -20.94
N VAL A 347 30.22 4.35 -20.77
CA VAL A 347 31.37 3.46 -20.69
C VAL A 347 31.73 2.81 -22.02
N ALA A 348 30.79 2.72 -22.96
CA ALA A 348 31.07 2.06 -24.22
C ALA A 348 30.05 2.51 -25.25
N SER A 349 30.43 2.41 -26.52
CA SER A 349 29.55 2.68 -27.66
C SER A 349 29.53 1.42 -28.52
N ILE A 350 28.33 0.89 -28.75
CA ILE A 350 28.15 -0.36 -29.48
C ILE A 350 27.65 -0.02 -30.88
N PRO A 351 28.44 -0.23 -31.93
CA PRO A 351 27.90 -0.05 -33.29
C PRO A 351 26.82 -1.09 -33.56
N LEU A 352 25.69 -0.61 -34.06
N LEU A 352 25.73 -0.68 -34.17
CA LEU A 352 24.49 -1.40 -34.30
CA LEU A 352 24.61 -1.59 -34.38
C LEU A 352 23.86 -0.95 -35.61
C LEU A 352 24.07 -1.46 -35.79
N SER A 353 23.13 -1.85 -36.25
N SER A 353 23.87 -2.60 -36.44
CA SER A 353 22.51 -1.53 -37.53
CA SER A 353 23.35 -2.62 -37.81
C SER A 353 21.28 -0.65 -37.36
C SER A 353 21.88 -2.23 -37.84
N GLY A 354 20.29 -1.12 -36.61
N GLY A 354 21.55 -1.28 -38.69
CA GLY A 354 19.01 -0.43 -36.51
CA GLY A 354 20.16 -0.81 -38.75
C GLY A 354 18.44 -0.49 -35.11
C GLY A 354 19.80 -0.07 -37.49
N MET A 355 17.41 0.32 -34.89
N MET A 355 18.64 -0.40 -36.92
CA MET A 355 16.80 0.41 -33.58
CA MET A 355 18.16 0.20 -35.68
C MET A 355 15.96 -0.85 -33.31
C MET A 355 17.75 -0.92 -34.74
N PRO A 356 15.98 -1.37 -32.08
N PRO A 356 18.58 -1.25 -33.74
CA PRO A 356 15.16 -2.55 -31.78
CA PRO A 356 18.24 -2.37 -32.86
C PRO A 356 14.04 -2.31 -30.76
C PRO A 356 17.18 -1.99 -31.84
N HIS A 357 13.15 -3.30 -30.67
N HIS A 357 16.25 -2.92 -31.62
CA HIS A 357 12.13 -3.41 -29.64
CA HIS A 357 15.21 -2.76 -30.60
C HIS A 357 12.81 -3.82 -28.33
C HIS A 357 15.75 -3.28 -29.27
N LEU A 358 13.78 -3.01 -27.88
N LEU A 358 16.79 -2.59 -28.78
CA LEU A 358 14.87 -3.52 -27.04
CA LEU A 358 17.53 -3.06 -27.61
C LEU A 358 14.38 -4.22 -25.77
C LEU A 358 16.62 -3.29 -26.41
N GLY A 359 13.19 -3.87 -25.27
N GLY A 359 15.51 -2.57 -26.32
CA GLY A 359 12.70 -4.49 -24.06
CA GLY A 359 14.64 -2.67 -25.16
C GLY A 359 12.83 -6.00 -24.07
C GLY A 359 14.06 -4.05 -24.92
N SER A 360 12.82 -6.62 -25.25
N SER A 360 14.03 -4.90 -25.94
CA SER A 360 12.97 -8.06 -25.39
CA SER A 360 13.43 -6.23 -25.85
C SER A 360 14.42 -8.51 -25.52
C SER A 360 14.46 -7.34 -25.95
N GLY A 361 15.37 -7.59 -25.69
N GLY A 361 15.74 -7.04 -25.78
CA GLY A 361 16.77 -7.96 -25.76
CA GLY A 361 16.76 -8.06 -25.89
C GLY A 361 17.18 -8.80 -24.57
C GLY A 361 16.84 -8.94 -24.65
N ILE A 362 17.52 -10.06 -24.80
CA ILE A 362 17.74 -11.01 -23.71
C ILE A 362 19.23 -11.19 -23.48
N TYR A 363 19.55 -11.74 -22.31
CA TYR A 363 20.91 -12.09 -21.94
C TYR A 363 20.96 -13.56 -21.59
N TRP A 364 22.16 -14.14 -21.71
CA TRP A 364 22.38 -15.50 -21.23
C TRP A 364 23.88 -15.72 -21.11
N LYS A 365 24.25 -16.83 -20.48
CA LYS A 365 25.65 -17.18 -20.25
C LYS A 365 26.11 -18.11 -21.36
N ARG A 366 27.16 -17.71 -22.06
CA ARG A 366 27.77 -18.52 -23.11
C ARG A 366 29.26 -18.63 -22.83
N ASP A 367 29.76 -19.85 -22.65
CA ASP A 367 31.12 -20.09 -22.17
C ASP A 367 31.33 -19.47 -20.80
N GLY A 368 30.29 -19.45 -19.97
CA GLY A 368 30.37 -18.81 -18.67
C GLY A 368 30.50 -17.31 -18.72
N ARG A 369 30.30 -16.70 -19.88
CA ARG A 369 30.40 -15.25 -20.05
C ARG A 369 29.05 -14.70 -20.48
N TRP A 370 28.70 -13.53 -19.96
CA TRP A 370 27.43 -12.91 -20.31
C TRP A 370 27.45 -12.41 -21.76
N VAL A 371 26.35 -12.64 -22.46
CA VAL A 371 26.18 -12.19 -23.83
C VAL A 371 24.78 -11.62 -23.99
N PHE A 372 24.63 -10.68 -24.93
CA PHE A 372 23.38 -9.99 -25.14
C PHE A 372 22.98 -10.06 -26.60
N ALA A 373 21.73 -10.46 -26.87
CA ALA A 373 21.19 -10.54 -28.21
C ALA A 373 20.00 -9.60 -28.32
N THR A 374 19.77 -9.11 -29.54
CA THR A 374 18.71 -8.13 -29.76
C THR A 374 18.21 -8.21 -31.19
N PRO A 375 16.89 -8.08 -31.42
CA PRO A 375 16.39 -8.05 -32.80
C PRO A 375 16.65 -6.71 -33.46
N ASN A 376 15.95 -6.44 -34.56
CA ASN A 376 16.19 -5.24 -35.35
C ASN A 376 14.88 -4.83 -36.00
N ILE A 377 14.75 -3.52 -36.26
CA ILE A 377 13.52 -3.01 -36.85
C ILE A 377 13.64 -2.73 -38.35
N SER A 378 14.85 -2.52 -38.87
CA SER A 378 15.03 -2.17 -40.27
C SER A 378 15.91 -3.15 -41.05
N ARG A 379 16.57 -4.09 -40.38
CA ARG A 379 17.50 -4.99 -41.06
C ARG A 379 17.28 -6.40 -40.54
N GLY A 380 17.46 -7.38 -41.42
CA GLY A 380 17.29 -8.77 -41.06
C GLY A 380 18.52 -9.34 -40.37
N VAL A 381 18.69 -9.03 -39.08
CA VAL A 381 19.89 -9.43 -38.36
C VAL A 381 19.54 -9.53 -36.88
N ILE A 382 20.23 -10.42 -36.18
CA ILE A 382 20.17 -10.51 -34.72
C ILE A 382 21.54 -10.13 -34.20
N SER A 383 21.65 -8.93 -33.63
CA SER A 383 22.92 -8.45 -33.11
C SER A 383 23.22 -9.10 -31.76
N VAL A 384 24.39 -9.70 -31.64
CA VAL A 384 24.82 -10.35 -30.41
C VAL A 384 26.04 -9.59 -29.89
N ILE A 385 26.03 -9.27 -28.60
CA ILE A 385 27.06 -8.44 -27.99
C ILE A 385 27.67 -9.18 -26.81
N ASP A 386 28.99 -9.07 -26.65
CA ASP A 386 29.70 -9.62 -25.51
C ASP A 386 29.72 -8.59 -24.39
N LEU A 387 29.12 -8.92 -23.25
CA LEU A 387 29.01 -7.96 -22.16
C LEU A 387 30.37 -7.63 -21.55
N GLN A 388 31.27 -8.61 -21.48
CA GLN A 388 32.55 -8.42 -20.81
C GLN A 388 33.26 -7.17 -21.34
N ASN A 389 33.70 -7.22 -22.60
CA ASN A 389 34.37 -6.10 -23.23
C ASN A 389 33.42 -5.22 -24.05
N TRP A 390 32.12 -5.45 -23.93
CA TRP A 390 31.11 -4.72 -24.72
C TRP A 390 31.38 -4.83 -26.22
N LYS A 391 32.11 -5.87 -26.63
CA LYS A 391 32.45 -6.04 -28.03
C LYS A 391 31.36 -6.82 -28.74
N PRO A 392 30.87 -6.36 -29.88
CA PRO A 392 29.88 -7.15 -30.64
C PRO A 392 30.51 -8.45 -31.13
N LEU A 393 29.94 -9.57 -30.72
CA LEU A 393 30.45 -10.88 -31.12
C LEU A 393 30.22 -11.12 -32.60
N LYS A 394 28.96 -11.33 -32.99
CA LYS A 394 28.65 -11.63 -34.38
C LYS A 394 27.26 -11.09 -34.70
N GLU A 395 26.90 -11.15 -35.98
CA GLU A 395 25.60 -10.72 -36.48
C GLU A 395 24.97 -11.88 -37.22
N ILE A 396 23.87 -12.40 -36.68
CA ILE A 396 23.17 -13.54 -37.26
C ILE A 396 22.17 -13.03 -38.28
N VAL A 397 22.22 -13.59 -39.49
CA VAL A 397 21.38 -13.13 -40.60
C VAL A 397 20.05 -13.85 -40.56
N THR A 398 18.99 -13.14 -40.93
CA THR A 398 17.63 -13.68 -40.91
C THR A 398 16.91 -13.21 -42.17
N ASP A 399 15.66 -13.66 -42.32
CA ASP A 399 14.86 -13.31 -43.48
C ASP A 399 14.23 -11.93 -43.38
N GLY A 400 14.45 -11.21 -42.29
CA GLY A 400 13.89 -9.90 -42.13
C GLY A 400 13.90 -9.46 -40.68
N PRO A 401 13.75 -8.15 -40.44
CA PRO A 401 13.78 -7.65 -39.06
C PRO A 401 12.61 -8.19 -38.26
N GLY A 402 12.87 -8.46 -36.98
CA GLY A 402 11.88 -8.97 -36.07
C GLY A 402 11.54 -7.96 -34.97
N PHE A 403 10.50 -8.31 -34.20
CA PHE A 403 10.00 -7.44 -33.15
C PHE A 403 10.22 -7.97 -31.74
N PHE A 404 10.38 -9.28 -31.57
CA PHE A 404 10.40 -9.88 -30.25
C PHE A 404 11.56 -10.85 -30.11
N MET A 405 11.87 -11.16 -28.86
CA MET A 405 12.95 -12.10 -28.52
C MET A 405 12.70 -12.61 -27.12
N ARG A 406 12.80 -13.92 -26.93
CA ARG A 406 12.53 -14.51 -25.63
C ARG A 406 13.25 -15.85 -25.51
N SER A 407 13.49 -16.25 -24.27
CA SER A 407 14.12 -17.53 -23.98
C SER A 407 13.64 -18.00 -22.61
N HIS A 408 14.43 -18.86 -21.96
CA HIS A 408 14.09 -19.43 -20.67
C HIS A 408 15.29 -20.26 -20.18
N ALA A 409 15.45 -20.36 -18.86
CA ALA A 409 16.59 -21.11 -18.33
C ALA A 409 16.57 -22.57 -18.74
N ASP A 410 15.42 -23.08 -19.18
CA ASP A 410 15.27 -24.47 -19.59
C ASP A 410 15.42 -24.66 -21.10
N SER A 411 15.21 -23.61 -21.89
CA SER A 411 15.32 -23.72 -23.35
C SER A 411 16.77 -23.51 -23.77
N PRO A 412 17.34 -24.37 -24.61
CA PRO A 412 18.69 -24.12 -25.13
C PRO A 412 18.74 -23.17 -26.32
N TYR A 413 17.62 -22.54 -26.67
CA TYR A 413 17.54 -21.67 -27.83
C TYR A 413 17.07 -20.28 -27.43
N ALA A 414 17.34 -19.32 -28.31
CA ALA A 414 16.74 -18.00 -28.25
C ALA A 414 15.68 -17.91 -29.34
N TRP A 415 14.48 -17.46 -28.97
CA TRP A 415 13.32 -17.50 -29.84
C TRP A 415 13.03 -16.09 -30.35
N THR A 416 13.18 -15.89 -31.66
CA THR A 416 12.96 -14.58 -32.27
C THR A 416 12.09 -14.79 -33.51
N ASP A 417 12.05 -13.78 -34.38
CA ASP A 417 11.13 -13.81 -35.52
C ASP A 417 11.61 -12.84 -36.59
N THR A 418 10.90 -12.83 -37.72
CA THR A 418 11.05 -11.82 -38.76
C THR A 418 9.71 -11.14 -38.97
N PHE A 419 9.16 -10.60 -37.88
CA PHE A 419 7.83 -10.00 -37.91
C PHE A 419 7.70 -8.98 -39.04
N LEU A 420 8.73 -8.16 -39.24
CA LEU A 420 8.66 -7.06 -40.20
C LEU A 420 9.44 -7.41 -41.47
N GLY A 421 8.84 -8.28 -42.27
CA GLY A 421 9.43 -8.66 -43.53
C GLY A 421 8.40 -9.34 -44.40
N LYS A 422 8.64 -9.33 -45.71
CA LYS A 422 7.75 -10.02 -46.63
C LYS A 422 7.69 -11.51 -46.29
N LYS A 423 8.76 -12.05 -45.74
CA LYS A 423 8.80 -13.42 -45.21
C LYS A 423 8.69 -13.31 -43.68
N HIS A 424 7.56 -13.80 -43.14
CA HIS A 424 7.26 -13.54 -41.72
C HIS A 424 6.40 -14.60 -41.05
N ASP A 425 6.37 -15.83 -41.53
CA ASP A 425 5.48 -16.84 -40.98
C ASP A 425 6.19 -17.84 -40.09
N GLU A 426 7.48 -17.65 -39.82
CA GLU A 426 8.23 -18.65 -39.06
C GLU A 426 8.90 -18.00 -37.86
N ILE A 427 9.08 -18.81 -36.82
CA ILE A 427 9.72 -18.39 -35.57
C ILE A 427 11.08 -19.07 -35.52
N LEU A 428 12.14 -18.27 -35.37
CA LEU A 428 13.50 -18.78 -35.41
C LEU A 428 13.96 -19.16 -34.01
N LEU A 429 14.66 -20.29 -33.92
CA LEU A 429 15.22 -20.77 -32.65
C LEU A 429 16.74 -20.80 -32.80
N ILE A 430 17.40 -19.86 -32.13
CA ILE A 430 18.86 -19.71 -32.22
C ILE A 430 19.50 -20.43 -31.05
N ASP A 431 20.37 -21.39 -31.35
CA ASP A 431 21.09 -22.11 -30.30
C ASP A 431 21.98 -21.15 -29.52
N LYS A 432 21.91 -21.25 -28.19
CA LYS A 432 22.60 -20.28 -27.34
C LYS A 432 24.11 -20.41 -27.43
N GLN A 433 24.61 -21.65 -27.57
CA GLN A 433 26.06 -21.86 -27.58
C GLN A 433 26.64 -21.60 -28.97
N THR A 434 26.02 -22.13 -30.01
CA THR A 434 26.57 -22.01 -31.36
C THR A 434 26.24 -20.68 -32.02
N LEU A 435 25.19 -19.99 -31.55
CA LEU A 435 24.78 -18.72 -32.15
C LEU A 435 24.40 -18.90 -33.62
N GLU A 436 23.66 -19.97 -33.89
CA GLU A 436 23.19 -20.26 -35.24
C GLU A 436 21.73 -20.70 -35.19
N ILE A 437 20.98 -20.33 -36.23
CA ILE A 437 19.59 -20.74 -36.35
C ILE A 437 19.54 -22.26 -36.37
N ALA A 438 19.04 -22.85 -35.28
CA ALA A 438 18.99 -24.30 -35.16
C ALA A 438 17.72 -24.88 -35.77
N HIS A 439 16.56 -24.42 -35.30
CA HIS A 439 15.27 -24.90 -35.77
C HIS A 439 14.39 -23.72 -36.14
N ARG A 440 13.32 -24.02 -36.88
CA ARG A 440 12.36 -23.01 -37.31
C ARG A 440 10.96 -23.58 -37.15
N LEU A 441 10.04 -22.74 -36.68
CA LEU A 441 8.64 -23.11 -36.49
C LEU A 441 7.78 -22.28 -37.42
N ARG A 442 6.87 -22.93 -38.13
CA ARG A 442 5.98 -22.28 -39.10
C ARG A 442 4.55 -22.59 -38.67
N PRO A 443 4.00 -21.82 -37.72
CA PRO A 443 2.65 -22.16 -37.20
C PRO A 443 1.56 -22.13 -38.27
N SER A 444 1.48 -21.05 -39.04
CA SER A 444 0.47 -20.90 -40.08
C SER A 444 1.14 -20.33 -41.33
N PRO A 445 1.51 -21.18 -42.29
CA PRO A 445 2.23 -20.68 -43.47
C PRO A 445 1.50 -19.52 -44.15
N GLY A 446 2.24 -18.44 -44.39
CA GLY A 446 1.69 -17.28 -45.06
C GLY A 446 1.34 -16.14 -44.11
N LYS A 447 0.83 -16.49 -42.94
CA LYS A 447 0.41 -15.49 -41.96
C LYS A 447 1.58 -15.11 -41.06
N VAL A 448 1.50 -13.90 -40.50
CA VAL A 448 2.60 -13.35 -39.72
C VAL A 448 2.64 -14.00 -38.34
N ALA A 449 3.84 -14.37 -37.91
CA ALA A 449 4.05 -15.06 -36.65
C ALA A 449 5.10 -14.29 -35.85
N GLY A 450 4.89 -14.22 -34.53
CA GLY A 450 5.82 -13.49 -33.68
C GLY A 450 5.42 -13.58 -32.22
N HIS A 451 6.41 -13.32 -31.37
CA HIS A 451 6.26 -13.27 -29.92
C HIS A 451 6.13 -14.66 -29.31
N VAL A 452 7.01 -14.98 -28.39
CA VAL A 452 7.03 -16.28 -27.71
C VAL A 452 6.95 -16.05 -26.21
N GLU A 453 6.27 -16.95 -25.52
CA GLU A 453 6.23 -16.95 -24.07
C GLU A 453 6.18 -18.40 -23.61
N PHE A 454 6.89 -18.68 -22.52
CA PHE A 454 7.00 -20.03 -22.00
C PHE A 454 6.12 -20.22 -20.77
N THR A 455 5.82 -21.48 -20.47
CA THR A 455 5.31 -21.82 -19.16
C THR A 455 6.39 -21.57 -18.11
N ARG A 456 6.00 -21.60 -16.84
CA ARG A 456 6.96 -21.27 -15.79
C ARG A 456 8.11 -22.27 -15.75
N ASP A 457 7.86 -23.54 -16.05
CA ASP A 457 8.92 -24.55 -16.10
C ASP A 457 9.55 -24.69 -17.47
N GLY A 458 9.21 -23.81 -18.43
CA GLY A 458 9.81 -23.85 -19.74
C GLY A 458 9.50 -25.09 -20.56
N ARG A 459 8.54 -25.90 -20.10
CA ARG A 459 8.22 -27.13 -20.81
C ARG A 459 7.55 -26.85 -22.15
N TYR A 460 6.86 -25.73 -22.28
CA TYR A 460 6.10 -25.41 -23.48
C TYR A 460 6.28 -23.94 -23.84
N ALA A 461 6.13 -23.65 -25.13
CA ALA A 461 6.22 -22.29 -25.64
C ALA A 461 4.94 -21.94 -26.40
N LEU A 462 4.44 -20.73 -26.18
CA LEU A 462 3.20 -20.26 -26.79
C LEU A 462 3.52 -19.19 -27.82
N LEU A 463 3.07 -19.41 -29.05
CA LEU A 463 3.33 -18.52 -30.17
C LEU A 463 2.03 -17.91 -30.68
N SER A 464 2.12 -16.71 -31.23
CA SER A 464 0.97 -15.97 -31.75
C SER A 464 1.01 -15.86 -33.27
N VAL A 465 -0.15 -16.06 -33.89
CA VAL A 465 -0.34 -15.81 -35.31
C VAL A 465 -1.18 -14.54 -35.43
N TRP A 466 -0.54 -13.44 -35.81
CA TRP A 466 -1.18 -12.12 -35.82
C TRP A 466 -2.00 -11.98 -37.10
N ASP A 467 -3.20 -12.55 -37.09
CA ASP A 467 -4.05 -12.51 -38.26
C ASP A 467 -5.51 -12.58 -37.82
N ARG A 468 -6.39 -12.01 -38.65
CA ARG A 468 -7.82 -12.08 -38.37
C ARG A 468 -8.24 -13.52 -38.10
N ASP A 469 -7.74 -14.45 -38.90
CA ASP A 469 -7.85 -15.88 -38.60
C ASP A 469 -6.57 -16.36 -37.91
N GLY A 470 -6.26 -15.70 -36.80
CA GLY A 470 -5.07 -16.01 -36.02
C GLY A 470 -5.32 -17.12 -35.03
N ALA A 471 -4.31 -17.36 -34.19
CA ALA A 471 -4.39 -18.46 -33.24
C ALA A 471 -3.27 -18.34 -32.22
N LEU A 472 -3.52 -18.90 -31.04
CA LEU A 472 -2.50 -19.10 -30.02
C LEU A 472 -2.10 -20.57 -30.06
N VAL A 473 -0.84 -20.83 -30.40
CA VAL A 473 -0.37 -22.18 -30.70
C VAL A 473 0.61 -22.61 -29.63
N VAL A 474 0.40 -23.81 -29.08
CA VAL A 474 1.20 -24.35 -27.98
C VAL A 474 2.18 -25.36 -28.56
N TYR A 475 3.46 -25.22 -28.20
CA TYR A 475 4.51 -26.10 -28.68
C TYR A 475 5.29 -26.69 -27.52
N ASP A 476 5.63 -27.98 -27.64
CA ASP A 476 6.54 -28.62 -26.71
C ASP A 476 7.94 -28.06 -26.93
N ALA A 477 8.43 -27.25 -25.98
CA ALA A 477 9.71 -26.57 -26.17
C ALA A 477 10.89 -27.52 -26.23
N HIS A 478 10.72 -28.78 -25.85
CA HIS A 478 11.80 -29.76 -25.93
C HIS A 478 11.75 -30.55 -27.24
N SER A 479 10.58 -31.05 -27.61
CA SER A 479 10.43 -31.77 -28.87
C SER A 479 10.09 -30.87 -30.04
N LEU A 480 9.64 -29.64 -29.77
CA LEU A 480 9.35 -28.66 -30.82
C LEU A 480 8.18 -29.08 -31.70
N GLU A 481 7.25 -29.87 -31.15
CA GLU A 481 6.08 -30.33 -31.88
C GLU A 481 4.82 -29.65 -31.33
N GLU A 482 3.93 -29.25 -32.22
CA GLU A 482 2.69 -28.61 -31.80
C GLU A 482 1.86 -29.55 -30.94
N VAL A 483 1.11 -28.98 -30.01
CA VAL A 483 0.34 -29.74 -29.04
C VAL A 483 -1.12 -29.29 -29.05
N LYS A 484 -1.33 -27.98 -29.15
CA LYS A 484 -2.67 -27.42 -29.07
C LYS A 484 -2.72 -26.15 -29.89
N ARG A 485 -3.94 -25.78 -30.29
CA ARG A 485 -4.15 -24.58 -31.09
C ARG A 485 -5.46 -23.93 -30.68
N LEU A 486 -5.40 -22.65 -30.33
CA LEU A 486 -6.58 -21.89 -29.91
C LEU A 486 -6.84 -20.79 -30.94
N PRO A 487 -7.91 -20.87 -31.73
CA PRO A 487 -8.20 -19.80 -32.68
C PRO A 487 -8.52 -18.49 -31.98
N MET A 488 -7.94 -17.40 -32.48
CA MET A 488 -8.15 -16.09 -31.91
C MET A 488 -8.04 -15.03 -33.00
N ASN A 489 -8.63 -13.87 -32.73
CA ASN A 489 -8.66 -12.76 -33.69
C ASN A 489 -7.47 -11.85 -33.40
N LYS A 490 -6.38 -12.06 -34.13
CA LYS A 490 -5.15 -11.29 -34.00
C LYS A 490 -4.66 -11.29 -32.57
N PRO A 491 -4.27 -12.45 -32.03
CA PRO A 491 -3.69 -12.49 -30.69
C PRO A 491 -2.26 -11.94 -30.71
N SER A 492 -1.99 -11.00 -29.81
CA SER A 492 -0.67 -10.37 -29.77
C SER A 492 0.20 -11.04 -28.71
N GLY A 493 0.51 -10.33 -27.63
CA GLY A 493 1.39 -10.89 -26.62
C GLY A 493 0.66 -11.80 -25.66
N LYS A 494 1.42 -12.73 -25.08
CA LYS A 494 0.96 -13.55 -23.96
C LYS A 494 2.04 -13.51 -22.89
N TYR A 495 1.61 -13.61 -21.62
CA TYR A 495 2.49 -13.31 -20.50
C TYR A 495 2.21 -14.27 -19.36
N ASN A 496 3.24 -15.02 -18.96
CA ASN A 496 3.14 -16.02 -17.90
C ASN A 496 3.43 -15.38 -16.55
N VAL A 497 2.53 -15.59 -15.59
CA VAL A 497 2.69 -15.01 -14.26
C VAL A 497 4.02 -15.43 -13.66
N GLY A 498 4.24 -16.74 -13.53
CA GLY A 498 5.45 -17.23 -12.87
C GLY A 498 6.73 -16.64 -13.45
N ASN A 499 6.85 -16.67 -14.78
CA ASN A 499 8.08 -16.21 -15.41
C ASN A 499 8.26 -14.71 -15.24
N LYS A 500 7.17 -13.95 -15.15
CA LYS A 500 7.26 -12.49 -15.10
C LYS A 500 7.57 -11.98 -13.70
N ILE A 501 7.22 -12.75 -12.65
CA ILE A 501 7.49 -12.33 -11.27
C ILE A 501 8.67 -13.04 -10.68
N GLY A 502 9.34 -13.91 -11.43
CA GLY A 502 10.51 -14.62 -10.93
C GLY A 502 11.80 -14.06 -11.51
N ALA B 37 5.29 36.32 34.92
CA ALA B 37 5.78 35.48 36.01
C ALA B 37 7.19 34.96 35.70
N PRO B 38 7.95 34.62 36.74
CA PRO B 38 9.32 34.14 36.52
C PRO B 38 9.40 32.69 36.06
N GLY B 39 8.27 31.97 36.02
CA GLY B 39 8.30 30.59 35.58
C GLY B 39 8.81 30.44 34.17
N GLU B 40 8.39 31.33 33.26
CA GLU B 40 8.84 31.27 31.89
C GLU B 40 10.36 31.42 31.81
N ALA B 41 10.91 32.42 32.51
CA ALA B 41 12.35 32.64 32.49
C ALA B 41 13.10 31.45 33.06
N LEU B 42 12.63 30.89 34.17
CA LEU B 42 13.26 29.71 34.73
C LEU B 42 13.22 28.54 33.75
N TYR B 43 12.11 28.39 33.04
CA TYR B 43 11.98 27.30 32.08
C TYR B 43 13.07 27.38 31.01
N ARG B 44 13.27 28.58 30.44
CA ARG B 44 14.29 28.74 29.42
CA ARG B 44 14.30 28.75 29.42
C ARG B 44 15.67 28.37 29.96
N GLN B 45 15.98 28.77 31.19
CA GLN B 45 17.33 28.59 31.71
C GLN B 45 17.64 27.14 32.03
N HIS B 46 16.66 26.38 32.53
CA HIS B 46 16.93 25.07 33.12
C HIS B 46 16.23 23.89 32.43
N CYS B 47 15.18 24.13 31.65
CA CYS B 47 14.35 23.04 31.15
C CYS B 47 14.31 22.94 29.63
N GLN B 48 14.28 24.07 28.93
CA GLN B 48 14.07 24.06 27.49
C GLN B 48 15.06 23.18 26.75
N ALA B 49 16.24 22.95 27.32
CA ALA B 49 17.24 22.12 26.65
C ALA B 49 16.68 20.75 26.27
N CYS B 50 15.81 20.20 27.11
CA CYS B 50 15.28 18.85 26.93
C CYS B 50 13.79 18.82 26.62
N HIS B 51 12.99 19.67 27.28
CA HIS B 51 11.56 19.68 27.10
C HIS B 51 11.10 20.63 26.00
N GLY B 52 12.02 21.28 25.31
CA GLY B 52 11.72 21.95 24.06
C GLY B 52 11.07 23.32 24.23
N ALA B 53 11.21 24.13 23.18
CA ALA B 53 10.59 25.44 23.15
C ALA B 53 9.07 25.32 23.15
N GLY B 54 8.42 26.21 23.91
CA GLY B 54 6.98 26.14 24.04
C GLY B 54 6.47 24.92 24.75
N ARG B 55 7.34 24.14 25.39
CA ARG B 55 6.96 22.95 26.14
C ARG B 55 6.42 21.85 25.24
N LEU B 56 6.86 21.80 23.98
CA LEU B 56 6.33 20.82 23.04
C LEU B 56 7.06 19.48 23.11
N GLY B 57 8.26 19.43 23.70
CA GLY B 57 8.96 18.18 23.87
C GLY B 57 10.30 18.12 23.17
N GLY B 58 11.15 17.20 23.63
CA GLY B 58 12.46 16.96 23.03
C GLY B 58 13.01 15.62 23.47
N SER B 59 14.25 15.62 23.98
CA SER B 59 14.74 14.42 24.65
C SER B 59 13.93 14.12 25.91
N GLY B 60 13.27 15.13 26.46
CA GLY B 60 12.31 14.93 27.53
C GLY B 60 10.90 15.06 27.01
N PRO B 61 9.92 14.66 27.82
CA PRO B 61 8.54 14.63 27.34
C PRO B 61 7.94 16.02 27.16
N THR B 62 6.78 16.03 26.52
CA THR B 62 5.99 17.25 26.38
C THR B 62 5.43 17.66 27.74
N LEU B 63 5.51 18.95 28.05
CA LEU B 63 5.10 19.47 29.35
C LEU B 63 3.97 20.49 29.23
N LEU B 64 3.02 20.22 28.33
CA LEU B 64 1.82 21.03 28.28
C LEU B 64 0.81 20.57 29.33
N PRO B 65 -0.18 21.41 29.65
CA PRO B 65 -1.16 21.00 30.66
C PRO B 65 -1.83 19.67 30.34
N GLU B 66 -2.21 19.44 29.09
N GLU B 66 -2.21 19.46 29.08
CA GLU B 66 -2.84 18.17 28.74
CA GLU B 66 -2.82 18.20 28.69
C GLU B 66 -1.86 17.02 28.84
C GLU B 66 -1.85 17.04 28.90
N SER B 67 -0.56 17.28 28.66
CA SER B 67 0.43 16.23 28.84
C SER B 67 0.49 15.76 30.29
N LEU B 68 0.27 16.66 31.23
CA LEU B 68 0.40 16.39 32.66
C LEU B 68 -0.94 16.15 33.32
N SER B 69 -1.96 15.76 32.56
CA SER B 69 -3.30 15.62 33.12
C SER B 69 -3.39 14.47 34.12
N ARG B 70 -2.53 13.46 33.99
N ARG B 70 -2.53 13.46 34.00
CA ARG B 70 -2.51 12.34 34.92
CA ARG B 70 -2.51 12.34 34.92
C ARG B 70 -1.49 12.54 36.05
C ARG B 70 -1.44 12.51 36.00
N LEU B 71 -0.84 13.69 36.12
CA LEU B 71 0.20 13.96 37.12
C LEU B 71 -0.21 15.18 37.92
N LYS B 72 -0.34 15.02 39.23
CA LYS B 72 -0.73 16.14 40.07
C LYS B 72 0.42 17.13 40.20
N PRO B 73 0.11 18.43 40.29
CA PRO B 73 1.19 19.42 40.44
C PRO B 73 2.16 19.11 41.57
N ALA B 74 1.64 18.64 42.72
CA ALA B 74 2.52 18.28 43.82
C ALA B 74 3.49 17.19 43.41
N GLN B 75 3.02 16.22 42.61
CA GLN B 75 3.93 15.21 42.08
C GLN B 75 4.95 15.84 41.13
N ALA B 76 4.49 16.72 40.24
CA ALA B 76 5.40 17.42 39.35
C ALA B 76 6.44 18.19 40.15
N ARG B 77 6.03 18.79 41.27
CA ARG B 77 6.98 19.53 42.10
C ARG B 77 8.07 18.60 42.64
N GLU B 78 7.67 17.41 43.11
CA GLU B 78 8.65 16.47 43.64
C GLU B 78 9.64 16.04 42.57
N VAL B 79 9.15 15.78 41.35
CA VAL B 79 10.05 15.35 40.28
C VAL B 79 11.03 16.45 39.92
N ILE B 80 10.58 17.70 39.96
CA ILE B 80 11.47 18.81 39.64
C ILE B 80 12.59 18.92 40.68
N LEU B 81 12.24 18.73 41.96
CA LEU B 81 13.22 18.89 43.02
C LEU B 81 14.15 17.69 43.13
N HIS B 82 13.62 16.47 42.94
CA HIS B 82 14.38 15.26 43.16
C HIS B 82 14.59 14.42 41.90
N GLY B 83 13.87 14.69 40.83
CA GLY B 83 14.01 13.91 39.61
C GLY B 83 13.46 12.50 39.77
N ARG B 84 13.64 11.71 38.71
CA ARG B 84 13.25 10.30 38.73
C ARG B 84 14.50 9.43 38.70
N PRO B 85 14.61 8.43 39.58
CA PRO B 85 15.83 7.62 39.61
C PRO B 85 16.05 6.89 38.30
N ALA B 86 17.32 6.79 37.91
CA ALA B 86 17.71 6.14 36.67
C ALA B 86 16.98 6.74 35.47
N THR B 87 17.03 8.07 35.37
CA THR B 87 16.49 8.77 34.22
C THR B 87 17.36 10.00 33.95
N GLN B 88 17.25 10.52 32.73
CA GLN B 88 17.90 11.78 32.42
C GLN B 88 17.31 12.93 33.22
N MET B 89 16.14 12.75 33.82
CA MET B 89 15.50 13.78 34.61
C MET B 89 16.21 13.87 35.95
N ALA B 90 17.05 14.89 36.10
CA ALA B 90 17.77 15.12 37.34
C ALA B 90 16.96 16.04 38.25
N GLY B 91 17.18 15.89 39.55
CA GLY B 91 16.56 16.79 40.51
C GLY B 91 17.28 18.13 40.52
N PHE B 92 16.48 19.20 40.62
CA PHE B 92 16.99 20.56 40.66
C PHE B 92 16.90 21.16 42.07
N ALA B 93 16.83 20.32 43.10
CA ALA B 93 16.67 20.82 44.46
C ALA B 93 17.85 21.69 44.89
N GLY B 94 19.02 21.50 44.28
CA GLY B 94 20.19 22.28 44.64
C GLY B 94 20.35 23.58 43.88
N GLN B 95 19.55 23.78 42.83
CA GLN B 95 19.66 24.97 41.99
C GLN B 95 18.44 25.88 42.09
N LEU B 96 17.42 25.50 42.85
CA LEU B 96 16.17 26.26 42.92
C LEU B 96 15.67 26.27 44.36
N ASP B 97 15.15 27.42 44.79
CA ASP B 97 14.49 27.52 46.08
C ASP B 97 13.01 27.20 45.90
N ASP B 98 12.28 27.14 47.03
CA ASP B 98 10.90 26.67 46.99
C ASP B 98 10.03 27.58 46.13
N ALA B 99 10.26 28.89 46.17
CA ALA B 99 9.49 29.81 45.35
C ALA B 99 9.77 29.61 43.87
N ALA B 100 10.99 29.23 43.52
CA ALA B 100 11.32 28.96 42.13
C ALA B 100 10.63 27.70 41.63
N ALA B 101 10.56 26.67 42.46
CA ALA B 101 9.85 25.45 42.08
C ALA B 101 8.35 25.71 41.94
N ASP B 102 7.78 26.47 42.88
CA ASP B 102 6.36 26.82 42.78
C ASP B 102 6.08 27.61 41.50
N ALA B 103 7.06 28.42 41.06
CA ALA B 103 6.88 29.18 39.82
C ALA B 103 6.89 28.26 38.61
N LEU B 104 7.83 27.32 38.56
CA LEU B 104 7.90 26.39 37.44
C LEU B 104 6.65 25.53 37.35
N VAL B 105 6.17 25.03 38.50
CA VAL B 105 4.98 24.19 38.50
C VAL B 105 3.78 24.97 37.96
N ALA B 106 3.61 26.21 38.43
CA ALA B 106 2.50 27.04 37.97
C ALA B 106 2.62 27.29 36.47
N TYR B 107 3.84 27.53 35.98
CA TYR B 107 4.04 27.79 34.56
C TYR B 107 3.69 26.57 33.72
N LEU B 108 4.01 25.36 34.20
CA LEU B 108 3.78 24.17 33.41
C LEU B 108 2.28 23.86 33.28
N TYR B 109 1.51 24.11 34.33
CA TYR B 109 0.10 23.77 34.33
C TYR B 109 -0.80 24.89 33.83
N GLN B 110 -0.24 26.09 33.59
CA GLN B 110 -1.01 27.18 33.00
C GLN B 110 -1.05 27.02 31.49
N ALA B 111 -2.21 27.32 30.90
CA ALA B 111 -2.34 27.22 29.46
C ALA B 111 -1.54 28.34 28.79
N PRO B 112 -0.88 28.06 27.67
CA PRO B 112 -0.15 29.12 26.97
C PRO B 112 -1.09 30.20 26.48
N PRO B 113 -0.59 31.42 26.25
CA PRO B 113 -1.49 32.48 25.78
C PRO B 113 -2.16 32.16 24.45
N ARG B 114 -1.55 31.31 23.62
CA ARG B 114 -2.18 30.84 22.41
C ARG B 114 -1.97 29.33 22.30
N GLU B 115 -2.92 28.66 21.68
CA GLU B 115 -2.86 27.20 21.58
C GLU B 115 -1.72 26.79 20.64
N PRO B 116 -0.85 25.88 21.06
CA PRO B 116 0.23 25.45 20.16
C PRO B 116 -0.31 24.72 18.94
N GLN B 117 0.36 24.92 17.81
CA GLN B 117 -0.03 24.34 16.54
C GLN B 117 0.81 23.11 16.22
N TRP B 118 0.30 22.30 15.30
CA TRP B 118 1.07 21.20 14.72
C TRP B 118 0.49 20.94 13.33
N SER B 119 1.08 21.59 12.33
CA SER B 119 0.55 21.61 10.98
C SER B 119 1.05 20.41 10.18
N ALA B 120 0.55 20.30 8.95
CA ALA B 120 1.05 19.29 8.03
C ALA B 120 2.56 19.40 7.86
N GLU B 121 3.06 20.64 7.74
CA GLU B 121 4.50 20.85 7.56
C GLU B 121 5.29 20.32 8.76
N ASP B 122 4.80 20.58 9.98
CA ASP B 122 5.43 20.01 11.16
C ASP B 122 5.45 18.49 11.09
N ILE B 123 4.32 17.88 10.70
CA ILE B 123 4.25 16.42 10.64
C ILE B 123 5.24 15.88 9.63
N ARG B 124 5.23 16.43 8.41
CA ARG B 124 6.12 15.93 7.36
C ARG B 124 7.58 16.07 7.77
N ALA B 125 7.92 17.15 8.46
CA ALA B 125 9.31 17.38 8.85
C ALA B 125 9.77 16.42 9.94
N SER B 126 8.85 15.83 10.69
CA SER B 126 9.20 14.92 11.78
C SER B 126 9.43 13.49 11.30
N GLN B 127 9.16 13.18 10.04
CA GLN B 127 9.20 11.80 9.59
C GLN B 127 10.63 11.30 9.45
N VAL B 128 10.89 10.09 9.95
CA VAL B 128 12.17 9.43 9.79
C VAL B 128 11.91 8.00 9.33
N GLN B 129 12.86 7.45 8.57
CA GLN B 129 12.72 6.11 7.98
C GLN B 129 14.05 5.39 8.06
N PRO B 130 14.41 4.88 9.24
CA PRO B 130 15.71 4.20 9.35
C PRO B 130 15.79 2.90 8.55
N HIS B 131 14.68 2.22 8.33
CA HIS B 131 14.68 0.94 7.60
C HIS B 131 13.41 0.82 6.76
N PRO B 132 13.39 1.47 5.58
CA PRO B 132 12.20 1.39 4.73
C PRO B 132 11.88 -0.06 4.35
N LEU B 133 10.58 -0.36 4.28
CA LEU B 133 10.14 -1.71 3.93
C LEU B 133 10.69 -2.14 2.56
N ALA B 134 10.76 -1.21 1.61
CA ALA B 134 11.24 -1.56 0.29
C ALA B 134 12.66 -2.12 0.32
N THR B 135 13.44 -1.81 1.36
CA THR B 135 14.81 -2.28 1.45
C THR B 135 14.97 -3.54 2.28
N LEU B 136 13.89 -4.05 2.88
CA LEU B 136 13.97 -5.18 3.80
C LEU B 136 13.41 -6.44 3.16
N PRO B 137 13.96 -7.61 3.48
CA PRO B 137 13.37 -8.87 3.00
C PRO B 137 12.05 -9.16 3.67
N SER B 138 11.18 -9.86 2.94
CA SER B 138 9.82 -10.13 3.39
C SER B 138 9.69 -11.53 3.98
N ARG B 139 10.51 -11.80 5.00
CA ARG B 139 10.49 -13.10 5.67
C ARG B 139 10.96 -12.90 7.10
N PRO B 140 10.48 -13.72 8.04
CA PRO B 140 11.04 -13.68 9.40
C PRO B 140 12.48 -14.16 9.39
N ARG B 141 13.35 -13.43 10.08
CA ARG B 141 14.74 -13.83 10.21
C ARG B 141 15.03 -14.50 11.55
N PHE B 142 14.02 -15.13 12.14
CA PHE B 142 14.17 -15.82 13.43
C PHE B 142 13.38 -17.11 13.40
N GLU B 143 13.55 -17.92 14.45
CA GLU B 143 12.90 -19.23 14.54
C GLU B 143 11.52 -19.16 15.20
N ALA B 144 11.31 -18.22 16.11
CA ALA B 144 10.04 -18.15 16.82
C ALA B 144 8.87 -18.02 15.84
N ASP B 145 7.74 -18.59 16.24
CA ASP B 145 6.51 -18.51 15.46
C ASP B 145 6.05 -17.07 15.36
N PRO B 146 6.07 -16.45 14.18
CA PRO B 146 5.63 -15.05 14.08
C PRO B 146 4.21 -14.84 14.55
N LEU B 147 3.34 -15.84 14.41
CA LEU B 147 1.94 -15.72 14.78
C LEU B 147 1.69 -15.88 16.27
N ASN B 148 2.72 -16.16 17.07
CA ASN B 148 2.56 -16.30 18.51
C ASN B 148 3.46 -15.34 19.28
N LEU B 149 3.99 -14.31 18.62
CA LEU B 149 4.83 -13.34 19.29
C LEU B 149 4.00 -12.44 20.20
N PHE B 150 4.61 -12.04 21.31
CA PHE B 150 4.03 -11.03 22.19
C PHE B 150 4.82 -9.73 22.03
N VAL B 151 4.10 -8.62 21.84
CA VAL B 151 4.69 -7.30 21.94
C VAL B 151 4.48 -6.83 23.38
N VAL B 152 5.57 -6.71 24.13
CA VAL B 152 5.51 -6.43 25.57
C VAL B 152 5.96 -4.99 25.79
N VAL B 153 5.10 -4.20 26.44
CA VAL B 153 5.37 -2.79 26.70
C VAL B 153 5.91 -2.65 28.12
N GLU B 154 7.07 -2.01 28.24
CA GLU B 154 7.72 -1.77 29.52
C GLU B 154 7.66 -0.26 29.79
N SER B 155 6.69 0.16 30.60
CA SER B 155 6.44 1.59 30.79
C SER B 155 7.47 2.25 31.70
N GLY B 156 8.05 1.50 32.65
CA GLY B 156 8.95 2.11 33.61
C GLY B 156 10.18 2.74 32.95
N ASP B 157 10.84 1.99 32.07
CA ASP B 157 12.02 2.46 31.37
C ASP B 157 11.79 2.65 29.88
N HIS B 158 10.54 2.62 29.43
CA HIS B 158 10.16 2.94 28.06
C HIS B 158 10.96 2.10 27.05
N HIS B 159 10.76 0.80 27.13
CA HIS B 159 11.27 -0.14 26.15
C HIS B 159 10.11 -1.01 25.66
N VAL B 160 10.39 -1.79 24.62
CA VAL B 160 9.45 -2.77 24.10
C VAL B 160 10.21 -4.06 23.87
N THR B 161 9.66 -5.16 24.37
CA THR B 161 10.21 -6.49 24.17
C THR B 161 9.32 -7.27 23.21
N ILE B 162 9.94 -7.97 22.27
CA ILE B 162 9.24 -8.90 21.38
C ILE B 162 9.56 -10.30 21.89
N LEU B 163 8.52 -11.05 22.25
CA LEU B 163 8.68 -12.28 23.02
C LEU B 163 8.28 -13.48 22.18
N ASP B 164 9.14 -14.51 22.18
CA ASP B 164 8.78 -15.82 21.68
C ASP B 164 7.64 -16.38 22.53
N GLY B 165 6.46 -16.54 21.93
CA GLY B 165 5.28 -16.93 22.70
C GLY B 165 5.30 -18.36 23.20
N ASP B 166 6.15 -19.21 22.63
CA ASP B 166 6.25 -20.59 23.06
C ASP B 166 7.34 -20.79 24.11
N ARG B 167 8.51 -20.17 23.90
CA ARG B 167 9.60 -20.23 24.87
C ARG B 167 9.50 -19.16 25.94
N PHE B 168 8.68 -18.14 25.74
CA PHE B 168 8.56 -17.02 26.68
C PHE B 168 9.92 -16.38 26.95
N GLU B 169 10.79 -16.37 25.95
CA GLU B 169 12.07 -15.69 25.98
C GLU B 169 12.07 -14.51 25.02
N PRO B 170 12.79 -13.43 25.33
CA PRO B 170 12.84 -12.29 24.41
C PRO B 170 13.75 -12.54 23.23
N ILE B 171 13.31 -12.11 22.04
CA ILE B 171 14.13 -12.16 20.84
C ILE B 171 14.54 -10.76 20.38
N ALA B 172 14.05 -9.71 21.04
CA ALA B 172 14.43 -8.36 20.69
C ALA B 172 13.90 -7.40 21.73
N ARG B 173 14.64 -6.32 21.94
CA ARG B 173 14.25 -5.26 22.87
C ARG B 173 14.85 -3.97 22.36
N PHE B 174 14.04 -2.91 22.35
CA PHE B 174 14.51 -1.64 21.82
C PHE B 174 13.88 -0.51 22.62
N PRO B 175 14.54 0.65 22.68
CA PRO B 175 13.93 1.81 23.35
C PRO B 175 12.78 2.35 22.52
N SER B 176 11.69 2.67 23.19
CA SER B 176 10.50 3.19 22.56
C SER B 176 10.35 4.67 22.84
N ARG B 177 9.37 5.29 22.19
CA ARG B 177 9.00 6.65 22.51
C ARG B 177 8.44 6.72 23.93
N TYR B 178 8.28 7.94 24.42
CA TYR B 178 7.89 8.15 25.81
C TYR B 178 6.38 8.01 25.96
N ALA B 179 5.96 7.27 26.98
CA ALA B 179 4.55 7.16 27.36
C ALA B 179 3.73 6.51 26.25
N LEU B 180 4.05 5.26 25.95
CA LEU B 180 3.18 4.45 25.10
C LEU B 180 1.87 4.16 25.85
N HIS B 181 0.75 4.44 25.20
CA HIS B 181 -0.56 4.14 25.75
C HIS B 181 -1.44 3.58 24.65
N GLY B 182 -2.41 2.77 25.03
CA GLY B 182 -3.29 2.16 24.06
C GLY B 182 -2.65 0.96 23.41
N GLY B 183 -3.47 -0.01 22.99
CA GLY B 183 -2.95 -1.18 22.36
C GLY B 183 -2.31 -0.86 21.02
N PRO B 184 -1.12 -1.38 20.78
CA PRO B 184 -0.54 -1.24 19.44
C PRO B 184 -1.36 -2.02 18.43
N LYS B 185 -1.43 -1.49 17.22
CA LYS B 185 -2.22 -2.12 16.16
C LYS B 185 -1.30 -2.88 15.22
N PHE B 186 -1.91 -3.82 14.50
CA PHE B 186 -1.17 -4.72 13.63
C PHE B 186 -1.71 -4.64 12.20
N SER B 187 -0.81 -4.87 11.24
CA SER B 187 -1.23 -5.04 9.86
C SER B 187 -2.07 -6.31 9.75
N PRO B 188 -2.83 -6.46 8.67
CA PRO B 188 -3.73 -7.63 8.57
C PRO B 188 -3.01 -8.96 8.71
N ASP B 189 -1.78 -9.07 8.23
CA ASP B 189 -1.02 -10.32 8.29
C ASP B 189 -0.17 -10.45 9.54
N GLY B 190 -0.22 -9.47 10.44
CA GLY B 190 0.53 -9.55 11.68
C GLY B 190 2.01 -9.25 11.57
N ARG B 191 2.51 -8.88 10.39
CA ARG B 191 3.93 -8.58 10.25
C ARG B 191 4.30 -7.26 10.89
N LEU B 192 3.47 -6.23 10.69
CA LEU B 192 3.78 -4.89 11.15
C LEU B 192 2.98 -4.55 12.40
N VAL B 193 3.54 -3.66 13.23
CA VAL B 193 2.87 -3.19 14.43
C VAL B 193 3.05 -1.68 14.55
N TYR B 194 2.01 -1.00 15.00
CA TYR B 194 1.96 0.46 15.02
C TYR B 194 1.76 0.93 16.46
N PHE B 195 2.71 1.72 16.95
CA PHE B 195 2.64 2.27 18.30
C PHE B 195 2.23 3.74 18.26
N ALA B 196 1.51 4.15 19.30
CA ALA B 196 1.11 5.55 19.48
C ALA B 196 1.52 6.00 20.87
N SER B 197 2.28 7.09 20.96
CA SER B 197 2.65 7.66 22.25
C SER B 197 1.77 8.87 22.54
N ARG B 198 1.66 9.20 23.82
CA ARG B 198 0.78 10.28 24.23
C ARG B 198 1.28 11.63 23.75
N ASP B 199 2.58 11.78 23.54
CA ASP B 199 3.16 13.00 23.01
C ASP B 199 3.03 13.11 21.49
N GLY B 200 2.32 12.17 20.85
CA GLY B 200 1.99 12.27 19.45
C GLY B 200 2.89 11.52 18.49
N TRP B 201 3.80 10.69 18.99
CA TRP B 201 4.73 9.97 18.12
C TRP B 201 4.13 8.62 17.72
N VAL B 202 4.16 8.34 16.42
CA VAL B 202 3.73 7.06 15.87
C VAL B 202 4.97 6.30 15.41
N THR B 203 5.04 5.02 15.75
CA THR B 203 6.18 4.18 15.39
C THR B 203 5.69 2.95 14.65
N LEU B 204 6.33 2.66 13.52
CA LEU B 204 6.06 1.46 12.72
C LEU B 204 7.23 0.51 12.87
N TYR B 205 6.94 -0.72 13.27
CA TYR B 205 7.96 -1.73 13.56
C TYR B 205 7.70 -2.96 12.72
N ASP B 206 8.75 -3.48 12.07
CA ASP B 206 8.65 -4.69 11.26
C ASP B 206 9.05 -5.89 12.12
N LEU B 207 8.07 -6.73 12.47
CA LEU B 207 8.35 -7.88 13.32
C LEU B 207 9.23 -8.90 12.62
N TYR B 208 9.12 -9.03 11.30
CA TYR B 208 9.92 -10.03 10.60
C TYR B 208 11.41 -9.70 10.65
N ASN B 209 11.77 -8.42 10.63
CA ASN B 209 13.16 -8.01 10.65
C ASN B 209 13.58 -7.39 11.97
N LEU B 210 12.66 -7.20 12.91
CA LEU B 210 12.97 -6.64 14.23
C LEU B 210 13.70 -5.31 14.07
N LYS B 211 13.05 -4.40 13.35
CA LYS B 211 13.62 -3.10 13.04
C LYS B 211 12.53 -2.05 13.01
N VAL B 212 12.85 -0.85 13.50
CA VAL B 212 11.98 0.29 13.29
C VAL B 212 12.01 0.67 11.82
N VAL B 213 10.82 0.79 11.23
CA VAL B 213 10.71 1.14 9.82
C VAL B 213 10.62 2.65 9.65
N ALA B 214 9.70 3.28 10.38
CA ALA B 214 9.47 4.71 10.24
C ALA B 214 8.88 5.23 11.54
N GLU B 215 9.01 6.54 11.73
CA GLU B 215 8.36 7.25 12.82
C GLU B 215 7.93 8.62 12.32
N VAL B 216 6.86 9.14 12.93
CA VAL B 216 6.37 10.48 12.60
C VAL B 216 5.60 10.99 13.81
N ARG B 217 5.62 12.31 14.00
CA ARG B 217 4.84 12.94 15.07
C ARG B 217 3.56 13.48 14.46
N ALA B 218 2.44 12.84 14.78
CA ALA B 218 1.14 13.23 14.24
C ALA B 218 0.49 14.36 15.02
N GLY B 219 0.83 14.53 16.30
CA GLY B 219 0.26 15.59 17.09
C GLY B 219 1.08 15.86 18.33
N LEU B 220 0.50 16.66 19.22
CA LEU B 220 1.15 17.00 20.49
C LEU B 220 0.58 16.22 21.66
N ASN B 221 -0.72 15.96 21.67
CA ASN B 221 -1.36 15.10 22.65
C ASN B 221 -2.31 14.19 21.89
N THR B 222 -2.02 12.89 21.90
CA THR B 222 -2.70 11.93 21.03
C THR B 222 -3.43 10.90 21.86
N ARG B 223 -4.59 10.46 21.37
CA ARG B 223 -5.42 9.48 22.07
C ARG B 223 -5.08 8.07 21.64
N ASN B 224 -5.35 7.73 20.38
CA ASN B 224 -5.05 6.40 19.86
C ASN B 224 -4.99 6.47 18.34
N LEU B 225 -4.72 5.32 17.73
CA LEU B 225 -4.70 5.20 16.28
C LEU B 225 -5.38 3.89 15.87
N ALA B 226 -5.70 3.81 14.58
CA ALA B 226 -6.36 2.64 14.02
C ALA B 226 -5.79 2.36 12.64
N VAL B 227 -5.70 1.08 12.30
CA VAL B 227 -5.21 0.62 11.01
C VAL B 227 -6.38 0.06 10.23
N SER B 228 -6.52 0.48 8.98
CA SER B 228 -7.61 -0.02 8.14
C SER B 228 -7.43 -1.51 7.90
N ASP B 229 -8.56 -2.21 7.72
CA ASP B 229 -8.53 -3.66 7.63
C ASP B 229 -7.90 -4.15 6.33
N ASP B 230 -7.67 -3.28 5.35
CA ASP B 230 -6.89 -3.64 4.17
C ASP B 230 -5.42 -3.28 4.32
N GLY B 231 -5.02 -2.74 5.47
CA GLY B 231 -3.63 -2.46 5.75
C GLY B 231 -3.07 -1.20 5.11
N ARG B 232 -3.91 -0.40 4.45
CA ARG B 232 -3.41 0.75 3.69
C ARG B 232 -3.21 1.99 4.54
N TRP B 233 -4.03 2.20 5.57
CA TRP B 233 -4.14 3.50 6.22
C TRP B 233 -3.95 3.40 7.72
N VAL B 234 -3.45 4.48 8.30
CA VAL B 234 -3.39 4.69 9.74
C VAL B 234 -4.08 6.02 10.04
N LEU B 235 -5.12 5.98 10.86
CA LEU B 235 -5.84 7.17 11.27
C LEU B 235 -5.56 7.43 12.74
N VAL B 236 -5.05 8.63 13.05
CA VAL B 236 -4.64 9.00 14.40
C VAL B 236 -5.61 10.03 14.93
N GLY B 237 -6.11 9.81 16.15
CA GLY B 237 -7.01 10.74 16.80
C GLY B 237 -6.29 11.52 17.88
N ASN B 238 -6.32 12.85 17.75
CA ASN B 238 -5.57 13.73 18.63
C ASN B 238 -6.50 14.53 19.53
N TYR B 239 -6.05 14.76 20.76
CA TYR B 239 -6.62 15.81 21.59
C TYR B 239 -6.11 17.18 21.16
N LEU B 240 -4.80 17.29 20.96
CA LEU B 240 -4.14 18.55 20.63
C LEU B 240 -3.20 18.35 19.45
N PRO B 241 -3.42 19.01 18.30
CA PRO B 241 -4.64 19.77 17.98
C PRO B 241 -5.84 18.83 17.89
N GLY B 242 -7.05 19.38 17.83
CA GLY B 242 -8.23 18.55 17.69
C GLY B 242 -8.45 18.15 16.25
N ASN B 243 -7.90 17.01 15.83
CA ASN B 243 -7.97 16.62 14.44
C ASN B 243 -7.73 15.13 14.31
N LEU B 244 -7.97 14.62 13.09
CA LEU B 244 -7.53 13.31 12.67
C LEU B 244 -6.37 13.47 11.70
N VAL B 245 -5.43 12.53 11.75
CA VAL B 245 -4.25 12.56 10.89
C VAL B 245 -4.18 11.24 10.15
N LEU B 246 -4.34 11.29 8.83
CA LEU B 246 -4.30 10.10 7.99
C LEU B 246 -2.89 9.89 7.47
N LEU B 247 -2.36 8.69 7.68
CA LEU B 247 -1.01 8.34 7.26
C LEU B 247 -1.03 7.13 6.35
N ASP B 248 -0.05 7.04 5.47
CA ASP B 248 0.19 5.83 4.70
C ASP B 248 0.79 4.78 5.62
N ALA B 249 0.12 3.63 5.75
CA ALA B 249 0.54 2.60 6.70
C ALA B 249 1.86 1.95 6.33
N ARG B 250 2.38 2.18 5.12
CA ARG B 250 3.63 1.56 4.69
C ARG B 250 4.86 2.36 5.09
N ASP B 251 4.74 3.68 5.27
CA ASP B 251 5.89 4.49 5.62
C ASP B 251 5.56 5.62 6.58
N LEU B 252 4.34 5.70 7.08
CA LEU B 252 3.91 6.78 7.98
C LEU B 252 4.06 8.16 7.37
N SER B 253 4.03 8.27 6.05
CA SER B 253 3.98 9.59 5.41
C SER B 253 2.60 10.19 5.58
N LEU B 254 2.53 11.52 5.47
CA LEU B 254 1.28 12.24 5.69
C LEU B 254 0.41 12.19 4.44
N VAL B 255 -0.83 11.76 4.61
CA VAL B 255 -1.83 11.81 3.55
C VAL B 255 -2.72 13.05 3.68
N GLN B 256 -3.27 13.28 4.87
CA GLN B 256 -4.11 14.46 5.05
C GLN B 256 -4.36 14.69 6.54
N VAL B 257 -4.50 15.97 6.89
CA VAL B 257 -4.90 16.39 8.23
C VAL B 257 -6.37 16.79 8.16
N ILE B 258 -7.21 16.12 8.94
CA ILE B 258 -8.65 16.36 8.92
C ILE B 258 -9.06 17.06 10.21
N PRO B 259 -9.35 18.37 10.19
CA PRO B 259 -9.79 19.03 11.42
C PRO B 259 -11.06 18.40 11.96
N ALA B 260 -11.14 18.32 13.28
CA ALA B 260 -12.30 17.74 13.97
C ALA B 260 -13.19 18.89 14.43
N ALA B 261 -14.29 19.09 13.72
CA ALA B 261 -15.25 20.14 14.05
C ALA B 261 -16.62 19.72 13.55
N ASP B 262 -17.65 20.06 14.31
CA ASP B 262 -19.00 19.66 13.93
C ASP B 262 -19.46 20.47 12.72
N ALA B 263 -20.69 20.19 12.28
CA ALA B 263 -21.21 20.82 11.07
C ALA B 263 -21.25 22.34 11.20
N GLN B 264 -21.35 22.85 12.43
CA GLN B 264 -21.46 24.28 12.67
C GLN B 264 -20.10 24.96 12.87
N GLY B 265 -19.00 24.22 12.74
CA GLY B 265 -17.68 24.80 12.84
C GLY B 265 -17.09 24.78 14.24
N GLN B 266 -17.72 24.11 15.19
CA GLN B 266 -17.23 24.06 16.56
C GLN B 266 -16.10 23.03 16.66
N ALA B 267 -14.94 23.47 17.16
CA ALA B 267 -13.80 22.57 17.28
C ALA B 267 -14.05 21.52 18.34
N SER B 268 -13.40 20.38 18.18
CA SER B 268 -13.55 19.28 19.12
C SER B 268 -12.27 18.47 19.20
N ARG B 269 -11.99 17.94 20.39
CA ARG B 269 -11.00 16.89 20.52
C ARG B 269 -11.56 15.58 19.99
N VAL B 270 -10.67 14.68 19.61
CA VAL B 270 -11.05 13.32 19.24
C VAL B 270 -10.91 12.42 20.46
N SER B 271 -12.01 11.73 20.80
CA SER B 271 -11.97 10.80 21.93
C SER B 271 -11.22 9.51 21.56
N ALA B 272 -11.57 8.92 20.42
CA ALA B 272 -10.95 7.66 19.99
C ALA B 272 -11.39 7.34 18.57
N VAL B 273 -10.57 6.55 17.90
CA VAL B 273 -10.87 6.05 16.56
C VAL B 273 -10.77 4.53 16.57
N TYR B 274 -11.64 3.87 15.83
CA TYR B 274 -11.65 2.42 15.75
C TYR B 274 -11.98 1.97 14.33
N THR B 275 -11.49 0.79 13.98
CA THR B 275 -11.73 0.19 12.67
C THR B 275 -12.93 -0.74 12.74
N ALA B 276 -13.82 -0.63 11.74
CA ALA B 276 -14.96 -1.51 11.59
C ALA B 276 -14.78 -2.32 10.31
N PRO B 277 -14.08 -3.44 10.34
CA PRO B 277 -13.65 -4.12 9.10
C PRO B 277 -14.83 -4.44 8.19
N PRO B 278 -15.91 -5.04 8.70
CA PRO B 278 -17.02 -5.39 7.80
C PRO B 278 -17.56 -4.20 7.04
N ARG B 279 -17.49 -3.00 7.61
CA ARG B 279 -17.90 -1.78 6.94
C ARG B 279 -16.76 -1.10 6.20
N HIS B 280 -15.54 -1.62 6.31
CA HIS B 280 -14.36 -1.03 5.68
C HIS B 280 -14.31 0.48 5.93
N SER B 281 -14.38 0.85 7.20
CA SER B 281 -14.42 2.26 7.57
C SER B 281 -13.75 2.46 8.93
N PHE B 282 -13.39 3.72 9.19
CA PHE B 282 -13.02 4.18 10.52
C PHE B 282 -14.23 4.83 11.18
N VAL B 283 -14.40 4.56 12.47
CA VAL B 283 -15.43 5.21 13.28
C VAL B 283 -14.74 6.05 14.34
N VAL B 284 -15.20 7.29 14.50
CA VAL B 284 -14.51 8.28 15.32
C VAL B 284 -15.50 8.89 16.30
N ALA B 285 -15.14 8.88 17.59
CA ALA B 285 -15.92 9.53 18.62
C ALA B 285 -15.30 10.89 18.93
N LEU B 286 -16.14 11.92 18.99
CA LEU B 286 -15.70 13.28 19.24
C LEU B 286 -16.10 13.68 20.66
N LYS B 287 -15.16 14.31 21.36
CA LYS B 287 -15.35 14.52 22.80
C LYS B 287 -16.19 15.75 23.10
N ASP B 288 -16.17 16.76 22.24
CA ASP B 288 -16.71 18.07 22.58
C ASP B 288 -17.86 18.51 21.68
N VAL B 289 -18.39 17.63 20.82
CA VAL B 289 -19.48 17.97 19.93
C VAL B 289 -20.45 16.80 19.85
N HIS B 290 -21.66 17.10 19.39
CA HIS B 290 -22.73 16.10 19.28
C HIS B 290 -22.71 15.39 17.93
N GLU B 291 -21.55 14.85 17.56
CA GLU B 291 -21.40 14.18 16.27
C GLU B 291 -20.54 12.93 16.42
N LEU B 292 -20.91 11.92 15.65
CA LEU B 292 -20.14 10.69 15.48
C LEU B 292 -19.79 10.57 14.00
N TRP B 293 -18.54 10.20 13.71
CA TRP B 293 -18.04 10.17 12.34
C TRP B 293 -17.73 8.74 11.91
N GLU B 294 -18.13 8.40 10.68
CA GLU B 294 -17.68 7.19 10.00
C GLU B 294 -16.96 7.59 8.73
N LEU B 295 -15.73 7.11 8.57
CA LEU B 295 -14.90 7.43 7.42
C LEU B 295 -14.65 6.16 6.60
N PRO B 296 -15.42 5.91 5.55
CA PRO B 296 -15.17 4.70 4.74
C PRO B 296 -13.94 4.85 3.87
N TYR B 297 -13.27 3.72 3.64
CA TYR B 297 -12.04 3.69 2.85
C TYR B 297 -12.04 2.61 1.79
N ALA B 298 -13.17 1.95 1.54
CA ALA B 298 -13.19 0.93 0.49
C ALA B 298 -12.87 1.52 -0.88
N ASN B 299 -13.23 2.78 -1.10
CA ASN B 299 -13.04 3.43 -2.40
C ASN B 299 -11.83 4.36 -2.43
N GLY B 300 -11.00 4.36 -1.40
CA GLY B 300 -9.79 5.14 -1.41
C GLY B 300 -9.53 5.77 -0.06
N LYS B 301 -8.56 6.67 -0.03
CA LYS B 301 -8.14 7.29 1.22
C LYS B 301 -9.34 7.91 1.94
N PRO B 302 -9.57 7.59 3.22
CA PRO B 302 -10.75 8.15 3.91
C PRO B 302 -10.53 9.57 4.38
N VAL B 303 -11.01 10.55 3.62
CA VAL B 303 -10.84 11.96 3.96
C VAL B 303 -12.16 12.69 4.09
N ALA B 304 -13.29 12.04 3.86
CA ALA B 304 -14.60 12.67 3.95
C ALA B 304 -15.46 11.94 4.98
N PRO B 305 -15.78 12.56 6.12
CA PRO B 305 -16.59 11.86 7.12
C PRO B 305 -18.09 11.95 6.89
N LYS B 306 -18.76 10.85 7.23
CA LYS B 306 -20.22 10.82 7.31
C LYS B 306 -20.61 11.12 8.76
N ARG B 307 -21.38 12.19 8.96
CA ARG B 307 -21.68 12.70 10.28
C ARG B 307 -22.98 12.11 10.81
N LEU B 308 -22.94 11.61 12.05
CA LEU B 308 -24.11 11.04 12.72
C LEU B 308 -24.35 11.79 14.01
N ALA B 309 -25.49 12.47 14.10
CA ALA B 309 -25.82 13.23 15.29
C ALA B 309 -26.03 12.30 16.48
N VAL B 310 -25.66 12.80 17.67
CA VAL B 310 -25.86 12.07 18.92
C VAL B 310 -26.44 13.04 19.94
N ALA B 311 -27.13 12.47 20.93
CA ALA B 311 -27.79 13.28 21.94
C ALA B 311 -26.81 13.77 23.00
N ASP B 312 -25.92 12.90 23.47
CA ASP B 312 -24.94 13.24 24.48
C ASP B 312 -23.55 12.92 23.97
N TYR B 313 -22.55 13.56 24.57
CA TYR B 313 -21.17 13.37 24.16
C TYR B 313 -20.73 11.93 24.41
N LEU B 314 -19.81 11.46 23.57
CA LEU B 314 -19.31 10.09 23.64
C LEU B 314 -17.80 10.11 23.89
N ASP B 315 -17.36 9.47 24.97
CA ASP B 315 -15.95 9.41 25.32
C ASP B 315 -15.27 8.16 24.79
N ASP B 316 -16.01 7.06 24.64
CA ASP B 316 -15.47 5.81 24.12
C ASP B 316 -16.64 4.92 23.75
N PHE B 317 -16.37 3.89 22.97
CA PHE B 317 -17.44 2.99 22.54
C PHE B 317 -16.86 1.64 22.19
N SER B 318 -17.77 0.69 21.93
CA SER B 318 -17.44 -0.68 21.57
C SER B 318 -18.38 -1.12 20.47
N PHE B 319 -17.87 -1.97 19.58
CA PHE B 319 -18.66 -2.53 18.50
C PHE B 319 -19.26 -3.86 18.93
N SER B 320 -20.51 -4.10 18.54
CA SER B 320 -21.07 -5.43 18.68
C SER B 320 -20.30 -6.40 17.79
N PRO B 321 -20.42 -7.71 18.05
CA PRO B 321 -19.64 -8.67 17.24
C PRO B 321 -19.88 -8.54 15.75
N ASP B 322 -21.12 -8.33 15.34
CA ASP B 322 -21.44 -8.17 13.92
C ASP B 322 -21.16 -6.76 13.41
N TYR B 323 -20.67 -5.86 14.26
CA TYR B 323 -20.44 -4.46 13.90
C TYR B 323 -21.72 -3.78 13.42
N ARG B 324 -22.88 -4.30 13.80
CA ARG B 324 -24.14 -3.66 13.45
C ARG B 324 -24.48 -2.54 14.43
N TYR B 325 -24.08 -2.68 15.69
CA TYR B 325 -24.40 -1.70 16.71
C TYR B 325 -23.12 -1.15 17.33
N LEU B 326 -23.27 0.01 17.97
CA LEU B 326 -22.18 0.67 18.67
C LEU B 326 -22.63 0.96 20.09
N LEU B 327 -21.86 0.51 21.06
CA LEU B 327 -22.14 0.75 22.48
C LEU B 327 -21.22 1.87 22.97
N GLY B 328 -21.82 2.99 23.34
CA GLY B 328 -21.07 4.18 23.72
C GLY B 328 -21.28 4.56 25.17
N SER B 329 -20.22 5.02 25.82
CA SER B 329 -20.27 5.53 27.18
C SER B 329 -20.07 7.04 27.18
N SER B 330 -20.54 7.68 28.24
CA SER B 330 -20.50 9.13 28.33
C SER B 330 -20.40 9.54 29.79
N ARG B 331 -19.63 10.60 30.06
CA ARG B 331 -19.54 11.13 31.42
C ARG B 331 -20.84 11.79 31.85
N GLN B 332 -21.57 12.40 30.91
CA GLN B 332 -22.80 13.11 31.24
C GLN B 332 -24.05 12.24 31.13
N ALA B 333 -23.99 11.14 30.38
CA ALA B 333 -25.17 10.30 30.21
C ALA B 333 -25.49 9.50 31.46
N ARG B 334 -24.51 9.23 32.31
CA ARG B 334 -24.70 8.35 33.47
C ARG B 334 -25.23 6.99 33.03
N GLY B 335 -24.81 6.53 31.87
CA GLY B 335 -25.28 5.28 31.33
C GLY B 335 -24.78 5.10 29.91
N GLY B 336 -25.04 3.91 29.38
CA GLY B 336 -24.63 3.55 28.04
C GLY B 336 -25.73 3.78 27.02
N GLU B 337 -25.31 4.12 25.81
CA GLU B 337 -26.23 4.33 24.69
C GLU B 337 -25.85 3.39 23.55
N VAL B 338 -26.86 2.79 22.93
CA VAL B 338 -26.65 1.86 21.83
C VAL B 338 -27.15 2.51 20.55
N ILE B 339 -26.31 2.48 19.51
CA ILE B 339 -26.62 3.11 18.23
C ILE B 339 -26.43 2.08 17.12
N GLU B 340 -27.37 2.06 16.19
CA GLU B 340 -27.19 1.30 14.95
C GLU B 340 -26.40 2.16 13.98
N LEU B 341 -25.37 1.55 13.36
CA LEU B 341 -24.40 2.34 12.61
C LEU B 341 -24.97 2.85 11.30
N ASP B 342 -25.40 1.93 10.43
CA ASP B 342 -25.85 2.34 9.10
C ASP B 342 -27.13 3.16 9.11
N SER B 343 -27.71 3.43 10.28
CA SER B 343 -28.90 4.26 10.38
C SER B 343 -28.70 5.48 11.28
N GLY B 344 -27.96 5.33 12.38
CA GLY B 344 -27.72 6.43 13.29
C GLY B 344 -28.69 6.54 14.44
N ALA B 345 -29.69 5.66 14.52
CA ALA B 345 -30.73 5.77 15.54
C ALA B 345 -30.28 5.14 16.85
N ARG B 346 -30.68 5.77 17.96
CA ARG B 346 -30.43 5.22 19.28
C ARG B 346 -31.53 4.22 19.62
N VAL B 347 -31.16 2.97 19.84
CA VAL B 347 -32.13 1.89 20.02
C VAL B 347 -32.33 1.49 21.47
N ALA B 348 -31.41 1.83 22.36
CA ALA B 348 -31.53 1.45 23.77
C ALA B 348 -30.64 2.33 24.61
N SER B 349 -31.01 2.45 25.89
CA SER B 349 -30.23 3.17 26.88
C SER B 349 -30.01 2.21 28.05
N ILE B 350 -28.76 1.79 28.25
CA ILE B 350 -28.44 0.85 29.32
C ILE B 350 -27.94 1.65 30.53
N PRO B 351 -28.75 1.82 31.57
CA PRO B 351 -28.26 2.50 32.77
C PRO B 351 -27.16 1.69 33.44
N LEU B 352 -25.97 2.27 33.50
N LEU B 352 -25.97 2.25 33.52
CA LEU B 352 -24.82 1.72 34.20
CA LEU B 352 -24.85 1.53 34.13
C LEU B 352 -24.19 2.83 35.04
C LEU B 352 -24.23 2.39 35.23
N SER B 353 -23.27 2.45 35.92
N SER B 353 -24.04 1.77 36.39
CA SER B 353 -22.64 3.37 36.85
CA SER B 353 -23.50 2.45 37.55
C SER B 353 -21.13 3.30 36.69
C SER B 353 -22.03 2.81 37.33
N GLY B 354 -20.53 4.39 36.22
N GLY B 354 -21.57 3.81 38.09
CA GLY B 354 -19.10 4.49 36.08
CA GLY B 354 -20.20 4.25 37.97
C GLY B 354 -18.63 4.36 34.64
C GLY B 354 -19.94 4.86 36.60
N MET B 355 -17.41 4.83 34.38
N MET B 355 -18.76 4.58 36.06
CA MET B 355 -16.79 4.75 33.07
CA MET B 355 -18.35 5.07 34.75
C MET B 355 -15.93 3.49 32.98
C MET B 355 -17.80 3.87 33.96
N PRO B 356 -15.86 2.83 31.81
N PRO B 356 -18.67 3.11 33.29
CA PRO B 356 -15.26 1.48 31.77
CA PRO B 356 -18.19 1.93 32.56
C PRO B 356 -13.87 1.31 31.16
C PRO B 356 -17.14 2.29 31.53
N HIS B 357 -13.32 2.28 30.44
N HIS B 357 -16.14 1.41 31.42
CA HIS B 357 -12.04 2.06 29.75
CA HIS B 357 -15.09 1.55 30.42
C HIS B 357 -12.26 1.01 28.66
C HIS B 357 -15.40 0.56 29.29
N LEU B 358 -13.11 1.33 27.69
N LEU B 358 -16.31 0.99 28.40
CA LEU B 358 -13.81 0.32 26.87
CA LEU B 358 -16.86 0.07 27.41
C LEU B 358 -12.90 -0.49 25.96
C LEU B 358 -15.82 -0.35 26.37
N GLY B 359 -11.60 -0.22 25.87
N GLY B 359 -14.93 0.56 25.99
CA GLY B 359 -10.74 -1.06 25.06
CA GLY B 359 -13.95 0.24 24.96
C GLY B 359 -10.86 -2.53 25.42
C GLY B 359 -13.16 -1.01 25.26
N SER B 360 -11.03 -2.81 26.71
N SER B 360 -13.03 -1.37 26.53
CA SER B 360 -11.21 -4.16 27.23
CA SER B 360 -12.27 -2.54 26.94
C SER B 360 -12.66 -4.30 27.71
C SER B 360 -13.14 -3.78 27.12
N GLY B 361 -13.57 -4.46 26.76
N GLY B 361 -14.45 -3.66 27.00
CA GLY B 361 -14.96 -4.78 27.05
CA GLY B 361 -15.33 -4.78 27.25
C GLY B 361 -15.42 -5.89 26.14
C GLY B 361 -15.13 -5.92 26.27
N ILE B 362 -15.62 -7.09 26.67
CA ILE B 362 -15.60 -8.30 25.85
C ILE B 362 -17.01 -8.85 25.70
N TYR B 363 -17.17 -9.73 24.71
CA TYR B 363 -18.41 -10.42 24.44
C TYR B 363 -18.16 -11.93 24.45
N TRP B 364 -19.24 -12.69 24.64
CA TRP B 364 -19.16 -14.14 24.50
C TRP B 364 -20.58 -14.70 24.47
N LYS B 365 -20.71 -15.87 23.85
CA LYS B 365 -22.01 -16.54 23.74
C LYS B 365 -22.28 -17.34 25.00
N ARG B 366 -23.48 -17.18 25.54
CA ARG B 366 -23.89 -17.85 26.76
C ARG B 366 -25.33 -18.31 26.60
N ASP B 367 -25.55 -19.61 26.57
CA ASP B 367 -26.86 -20.19 26.30
C ASP B 367 -27.38 -19.75 24.93
N GLY B 368 -26.48 -19.58 23.97
CA GLY B 368 -26.84 -19.08 22.66
C GLY B 368 -26.96 -17.59 22.54
N ARG B 369 -27.14 -16.88 23.65
CA ARG B 369 -27.30 -15.43 23.63
C ARG B 369 -25.94 -14.74 23.76
N TRP B 370 -25.82 -13.58 23.13
CA TRP B 370 -24.65 -12.74 23.31
C TRP B 370 -24.79 -11.92 24.59
N VAL B 371 -23.69 -11.84 25.35
CA VAL B 371 -23.63 -11.02 26.55
C VAL B 371 -22.39 -10.16 26.48
N PHE B 372 -22.41 -9.05 27.22
CA PHE B 372 -21.34 -8.06 27.20
C PHE B 372 -20.94 -7.74 28.63
N ALA B 373 -19.64 -7.83 28.91
CA ALA B 373 -19.09 -7.58 30.24
C ALA B 373 -18.07 -6.46 30.17
N THR B 374 -18.08 -5.57 31.17
CA THR B 374 -17.18 -4.43 31.16
C THR B 374 -16.81 -4.03 32.59
N PRO B 375 -15.54 -3.67 32.83
CA PRO B 375 -15.17 -3.24 34.18
C PRO B 375 -15.65 -1.83 34.48
N ASN B 376 -15.11 -1.21 35.53
CA ASN B 376 -15.58 0.09 35.97
C ASN B 376 -14.39 0.92 36.46
N ILE B 377 -14.56 2.24 36.42
CA ILE B 377 -13.51 3.16 36.83
C ILE B 377 -13.81 3.69 38.23
N SER B 378 -15.09 3.80 38.58
CA SER B 378 -15.48 4.42 39.83
C SER B 378 -16.03 3.44 40.88
N ARG B 379 -16.64 2.34 40.46
CA ARG B 379 -17.17 1.36 41.40
C ARG B 379 -16.46 0.02 41.20
N GLY B 380 -16.63 -0.86 42.19
CA GLY B 380 -16.07 -2.20 42.11
C GLY B 380 -17.12 -3.22 41.70
N VAL B 381 -17.61 -3.11 40.46
CA VAL B 381 -18.63 -4.01 39.95
C VAL B 381 -18.35 -4.31 38.48
N ILE B 382 -18.62 -5.55 38.07
CA ILE B 382 -18.54 -5.94 36.68
C ILE B 382 -19.96 -6.02 36.14
N SER B 383 -20.26 -5.17 35.15
CA SER B 383 -21.59 -5.13 34.57
C SER B 383 -21.68 -6.12 33.42
N VAL B 384 -22.75 -6.92 33.41
CA VAL B 384 -22.99 -7.92 32.37
C VAL B 384 -24.35 -7.64 31.76
N ILE B 385 -24.39 -7.40 30.46
CA ILE B 385 -25.60 -7.02 29.76
C ILE B 385 -25.92 -8.08 28.72
N ASP B 386 -27.22 -8.27 28.47
CA ASP B 386 -27.71 -9.18 27.45
C ASP B 386 -28.02 -8.38 26.19
N LEU B 387 -27.43 -8.80 25.06
CA LEU B 387 -27.55 -8.03 23.83
C LEU B 387 -28.88 -8.24 23.11
N GLN B 388 -29.57 -9.35 23.36
CA GLN B 388 -30.82 -9.60 22.67
C GLN B 388 -31.84 -8.51 22.95
N ASN B 389 -31.87 -8.00 24.20
CA ASN B 389 -32.82 -6.97 24.60
C ASN B 389 -32.15 -5.81 25.32
N TRP B 390 -30.81 -5.75 25.33
CA TRP B 390 -30.08 -4.64 25.94
C TRP B 390 -30.46 -4.43 27.40
N LYS B 391 -30.83 -5.52 28.08
CA LYS B 391 -31.23 -5.44 29.48
C LYS B 391 -30.06 -5.85 30.37
N PRO B 392 -29.76 -5.10 31.42
CA PRO B 392 -28.73 -5.55 32.37
C PRO B 392 -29.04 -6.94 32.89
N LEU B 393 -28.06 -7.83 32.80
CA LEU B 393 -28.23 -9.21 33.21
C LEU B 393 -27.81 -9.44 34.66
N LYS B 394 -26.58 -9.05 35.01
CA LYS B 394 -26.07 -9.25 36.36
C LYS B 394 -25.00 -8.22 36.65
N GLU B 395 -24.90 -7.84 37.92
CA GLU B 395 -23.83 -6.99 38.40
C GLU B 395 -22.99 -7.79 39.39
N ILE B 396 -21.73 -8.04 39.05
CA ILE B 396 -20.84 -8.88 39.84
C ILE B 396 -20.00 -7.96 40.71
N VAL B 397 -20.07 -8.16 42.03
CA VAL B 397 -19.34 -7.33 42.97
C VAL B 397 -17.88 -7.75 42.99
N THR B 398 -16.99 -6.76 43.06
CA THR B 398 -15.56 -6.99 43.19
C THR B 398 -15.01 -6.10 44.29
N ASP B 399 -13.71 -6.19 44.54
CA ASP B 399 -13.09 -5.38 45.58
C ASP B 399 -13.12 -3.90 45.21
N GLY B 400 -12.65 -3.56 44.01
CA GLY B 400 -12.61 -2.18 43.57
C GLY B 400 -12.66 -2.05 42.06
N PRO B 401 -12.62 -0.80 41.58
CA PRO B 401 -12.68 -0.59 40.13
C PRO B 401 -11.50 -1.20 39.40
N GLY B 402 -11.74 -1.67 38.18
CA GLY B 402 -10.74 -2.29 37.36
C GLY B 402 -10.56 -1.56 36.03
N PHE B 403 -9.45 -1.88 35.36
CA PHE B 403 -9.09 -1.24 34.11
C PHE B 403 -9.19 -2.14 32.89
N PHE B 404 -8.95 -3.45 33.04
CA PHE B 404 -8.81 -4.33 31.89
C PHE B 404 -9.72 -5.55 32.01
N MET B 405 -9.85 -6.27 30.90
CA MET B 405 -10.75 -7.40 30.77
C MET B 405 -10.38 -8.15 29.51
N ARG B 406 -10.19 -9.47 29.62
N ARG B 406 -10.20 -9.47 29.62
CA ARG B 406 -9.77 -10.27 28.49
CA ARG B 406 -9.77 -10.27 28.49
C ARG B 406 -10.28 -11.69 28.66
C ARG B 406 -10.28 -11.69 28.65
N SER B 407 -10.50 -12.36 27.54
CA SER B 407 -10.89 -13.76 27.53
C SER B 407 -10.35 -14.41 26.26
N HIS B 408 -10.65 -15.69 26.09
CA HIS B 408 -10.18 -16.46 24.95
C HIS B 408 -11.11 -17.64 24.76
N ALA B 409 -11.38 -17.99 23.51
CA ALA B 409 -12.31 -19.08 23.23
C ALA B 409 -11.96 -20.35 24.00
N ASP B 410 -10.67 -20.61 24.21
CA ASP B 410 -10.24 -21.80 24.92
C ASP B 410 -10.48 -21.69 26.43
N SER B 411 -10.62 -20.48 26.96
CA SER B 411 -10.76 -20.32 28.40
C SER B 411 -12.24 -20.26 28.79
N PRO B 412 -12.62 -20.86 29.92
CA PRO B 412 -13.99 -20.70 30.43
C PRO B 412 -14.18 -19.48 31.32
N TYR B 413 -13.15 -18.67 31.51
CA TYR B 413 -13.20 -17.54 32.42
C TYR B 413 -13.01 -16.23 31.67
N ALA B 414 -13.58 -15.17 32.23
CA ALA B 414 -13.23 -13.80 31.86
C ALA B 414 -12.26 -13.27 32.91
N TRP B 415 -11.16 -12.67 32.44
CA TRP B 415 -10.05 -12.28 33.31
C TRP B 415 -10.07 -10.77 33.48
N THR B 416 -10.18 -10.31 34.72
CA THR B 416 -10.27 -8.89 35.02
C THR B 416 -9.45 -8.59 36.28
N ASP B 417 -9.60 -7.38 36.80
CA ASP B 417 -8.76 -6.91 37.90
C ASP B 417 -9.52 -5.91 38.75
N THR B 418 -8.87 -5.50 39.84
CA THR B 418 -9.31 -4.36 40.65
C THR B 418 -8.18 -3.34 40.70
N PHE B 419 -7.76 -2.88 39.53
CA PHE B 419 -6.55 -2.07 39.39
C PHE B 419 -6.56 -0.87 40.34
N LEU B 420 -7.71 -0.24 40.52
CA LEU B 420 -7.78 1.05 41.21
C LEU B 420 -8.18 0.95 42.67
N GLY B 421 -8.89 -0.11 43.07
CA GLY B 421 -9.35 -0.23 44.44
C GLY B 421 -8.20 -0.17 45.44
N LYS B 422 -8.58 -0.05 46.71
CA LYS B 422 -7.59 -0.08 47.78
C LYS B 422 -6.75 -1.36 47.71
N LYS B 423 -7.42 -2.51 47.54
CA LYS B 423 -6.74 -3.75 47.22
C LYS B 423 -6.68 -3.88 45.69
N HIS B 424 -5.51 -4.26 45.18
CA HIS B 424 -5.31 -4.24 43.74
C HIS B 424 -4.19 -5.16 43.28
N ASP B 425 -4.05 -6.33 43.91
CA ASP B 425 -2.99 -7.27 43.57
C ASP B 425 -3.53 -8.61 43.08
N GLU B 426 -4.84 -8.74 42.91
CA GLU B 426 -5.46 -9.99 42.48
C GLU B 426 -6.06 -9.83 41.10
N ILE B 427 -6.06 -10.94 40.35
CA ILE B 427 -6.68 -11.01 39.03
C ILE B 427 -7.85 -11.98 39.16
N LEU B 428 -9.06 -11.50 38.85
CA LEU B 428 -10.27 -12.27 39.05
C LEU B 428 -10.62 -13.04 37.79
N LEU B 429 -10.93 -14.33 37.94
CA LEU B 429 -11.38 -15.18 36.85
C LEU B 429 -12.87 -15.45 37.06
N ILE B 430 -13.70 -14.87 36.20
CA ILE B 430 -15.15 -14.98 36.30
C ILE B 430 -15.61 -16.04 35.31
N ASP B 431 -16.34 -17.04 35.81
CA ASP B 431 -16.86 -18.09 34.95
C ASP B 431 -17.92 -17.52 34.02
N LYS B 432 -17.75 -17.76 32.71
CA LYS B 432 -18.64 -17.17 31.72
C LYS B 432 -20.08 -17.66 31.91
N GLN B 433 -20.25 -18.92 32.32
CA GLN B 433 -21.59 -19.50 32.35
C GLN B 433 -22.33 -19.15 33.63
N THR B 434 -21.64 -19.18 34.77
CA THR B 434 -22.28 -18.86 36.05
C THR B 434 -22.16 -17.39 36.43
N LEU B 435 -21.26 -16.64 35.80
CA LEU B 435 -21.09 -15.21 36.09
C LEU B 435 -20.71 -15.01 37.56
N GLU B 436 -19.74 -15.80 38.02
CA GLU B 436 -19.27 -15.74 39.39
C GLU B 436 -17.76 -15.79 39.41
N ILE B 437 -17.17 -15.17 40.43
CA ILE B 437 -15.71 -15.22 40.62
C ILE B 437 -15.35 -16.64 41.03
N ALA B 438 -14.68 -17.37 40.14
CA ALA B 438 -14.32 -18.77 40.37
C ALA B 438 -12.91 -18.94 40.91
N HIS B 439 -11.96 -18.14 40.45
CA HIS B 439 -10.57 -18.26 40.89
C HIS B 439 -9.95 -16.86 40.97
N ARG B 440 -8.82 -16.78 41.68
CA ARG B 440 -8.06 -15.55 41.81
C ARG B 440 -6.59 -15.87 41.65
N LEU B 441 -5.85 -14.90 41.09
CA LEU B 441 -4.41 -15.03 40.91
C LEU B 441 -3.75 -13.81 41.54
N ARG B 442 -2.82 -14.06 42.47
CA ARG B 442 -2.14 -13.01 43.23
C ARG B 442 -0.65 -13.09 42.94
N PRO B 443 -0.21 -12.63 41.77
CA PRO B 443 1.21 -12.79 41.42
C PRO B 443 2.15 -12.09 42.37
N SER B 444 1.87 -10.85 42.78
CA SER B 444 2.73 -10.09 43.67
C SER B 444 1.90 -9.44 44.77
N PRO B 445 1.81 -10.05 45.94
CA PRO B 445 1.04 -9.45 47.04
C PRO B 445 1.51 -8.04 47.34
N GLY B 446 0.55 -7.12 47.46
CA GLY B 446 0.82 -5.73 47.74
C GLY B 446 1.02 -4.86 46.51
N LYS B 447 1.49 -5.44 45.41
CA LYS B 447 1.79 -4.68 44.20
C LYS B 447 0.61 -4.75 43.22
N VAL B 448 0.56 -3.76 42.33
CA VAL B 448 -0.56 -3.64 41.41
C VAL B 448 -0.46 -4.71 40.33
N ALA B 449 -1.58 -5.37 40.04
CA ALA B 449 -1.66 -6.39 39.02
C ALA B 449 -2.82 -6.09 38.08
N GLY B 450 -2.59 -6.26 36.79
CA GLY B 450 -3.63 -5.98 35.82
C GLY B 450 -3.18 -6.31 34.41
N HIS B 451 -4.17 -6.42 33.53
CA HIS B 451 -3.99 -6.70 32.11
C HIS B 451 -3.53 -8.14 31.86
N VAL B 452 -4.25 -8.83 30.97
CA VAL B 452 -3.99 -10.23 30.67
C VAL B 452 -3.99 -10.40 29.15
N GLU B 453 -3.08 -11.25 28.65
CA GLU B 453 -3.04 -11.60 27.25
C GLU B 453 -2.73 -13.09 27.14
N PHE B 454 -3.36 -13.75 26.17
CA PHE B 454 -3.21 -15.18 25.98
C PHE B 454 -2.32 -15.48 24.78
N THR B 455 -1.70 -16.66 24.82
CA THR B 455 -1.06 -17.21 23.64
C THR B 455 -2.11 -17.45 22.56
N ARG B 456 -1.63 -17.68 21.33
CA ARG B 456 -2.55 -17.86 20.21
C ARG B 456 -3.54 -18.99 20.46
N ASP B 457 -3.11 -20.05 21.16
CA ASP B 457 -3.97 -21.19 21.41
C ASP B 457 -4.74 -21.08 22.73
N GLY B 458 -4.41 -20.11 23.56
CA GLY B 458 -5.10 -19.91 24.82
C GLY B 458 -4.60 -20.75 25.97
N ARG B 459 -3.56 -21.57 25.77
CA ARG B 459 -3.08 -22.44 26.83
C ARG B 459 -2.41 -21.67 27.97
N TYR B 460 -1.92 -20.46 27.72
CA TYR B 460 -1.18 -19.70 28.72
C TYR B 460 -1.67 -18.25 28.75
N ALA B 461 -1.59 -17.65 29.93
CA ALA B 461 -2.01 -16.27 30.15
C ALA B 461 -0.87 -15.50 30.79
N LEU B 462 -0.58 -14.32 30.26
CA LEU B 462 0.53 -13.49 30.71
C LEU B 462 -0.03 -12.30 31.50
N LEU B 463 0.38 -12.16 32.75
CA LEU B 463 -0.09 -11.12 33.65
C LEU B 463 1.03 -10.13 33.94
N SER B 464 0.65 -8.87 34.14
CA SER B 464 1.59 -7.79 34.42
C SER B 464 1.46 -7.35 35.87
N VAL B 465 2.61 -7.08 36.50
CA VAL B 465 2.69 -6.49 37.83
C VAL B 465 3.22 -5.07 37.66
N TRP B 466 2.35 -4.08 37.90
CA TRP B 466 2.65 -2.69 37.59
C TRP B 466 3.39 -2.06 38.78
N ASP B 467 4.70 -2.28 38.80
CA ASP B 467 5.53 -1.77 39.88
C ASP B 467 6.96 -1.58 39.37
N ARG B 468 7.67 -0.62 39.97
CA ARG B 468 9.09 -0.46 39.69
C ARG B 468 9.80 -1.80 39.75
N ASP B 469 9.44 -2.64 40.71
CA ASP B 469 9.88 -4.03 40.76
C ASP B 469 8.78 -4.94 40.22
N GLY B 470 8.37 -4.65 38.98
CA GLY B 470 7.29 -5.39 38.34
C GLY B 470 7.77 -6.69 37.75
N ALA B 471 6.86 -7.34 37.02
CA ALA B 471 7.17 -8.62 36.42
C ALA B 471 6.10 -8.98 35.41
N LEU B 472 6.54 -9.66 34.34
CA LEU B 472 5.66 -10.34 33.41
C LEU B 472 5.59 -11.81 33.84
N VAL B 473 4.41 -12.26 34.25
CA VAL B 473 4.24 -13.58 34.86
C VAL B 473 3.39 -14.43 33.94
N VAL B 474 3.88 -15.63 33.64
CA VAL B 474 3.19 -16.57 32.75
C VAL B 474 2.46 -17.59 33.61
N TYR B 475 1.21 -17.87 33.26
CA TYR B 475 0.37 -18.81 33.99
C TYR B 475 -0.19 -19.85 33.03
N ASP B 476 -0.22 -21.09 33.48
CA ASP B 476 -0.97 -22.13 32.77
C ASP B 476 -2.45 -21.80 32.88
N ALA B 477 -3.08 -21.48 31.74
CA ALA B 477 -4.46 -21.02 31.77
C ALA B 477 -5.41 -22.10 32.25
N HIS B 478 -5.06 -23.37 32.08
CA HIS B 478 -5.93 -24.47 32.48
C HIS B 478 -5.73 -24.86 33.94
N SER B 479 -4.48 -25.09 34.35
CA SER B 479 -4.19 -25.46 35.72
C SER B 479 -4.09 -24.25 36.65
N LEU B 480 -3.85 -23.07 36.10
CA LEU B 480 -3.88 -21.80 36.83
C LEU B 480 -2.72 -21.65 37.80
N GLU B 481 -1.61 -22.34 37.58
CA GLU B 481 -0.41 -22.14 38.40
C GLU B 481 0.70 -21.53 37.56
N GLU B 482 1.54 -20.74 38.23
CA GLU B 482 2.61 -20.01 37.55
C GLU B 482 3.65 -20.97 36.98
N VAL B 483 4.24 -20.56 35.86
CA VAL B 483 5.23 -21.39 35.18
C VAL B 483 6.51 -20.61 34.94
N LYS B 484 6.41 -19.30 34.76
CA LYS B 484 7.58 -18.51 34.42
C LYS B 484 7.39 -17.07 34.89
N ARG B 485 8.51 -16.40 35.15
CA ARG B 485 8.52 -15.04 35.65
C ARG B 485 9.64 -14.26 34.97
N LEU B 486 9.28 -13.12 34.37
CA LEU B 486 10.25 -12.23 33.74
C LEU B 486 10.19 -10.87 34.44
N PRO B 487 11.18 -10.50 35.24
CA PRO B 487 11.11 -9.21 35.95
C PRO B 487 11.26 -8.05 34.97
N MET B 488 10.39 -7.06 35.11
CA MET B 488 10.40 -5.89 34.24
C MET B 488 10.01 -4.66 35.05
N ASN B 489 10.35 -3.48 34.52
CA ASN B 489 10.10 -2.21 35.19
C ASN B 489 8.73 -1.70 34.75
N LYS B 490 7.71 -1.92 35.57
CA LYS B 490 6.36 -1.47 35.30
C LYS B 490 5.88 -2.00 33.96
N PRO B 491 5.88 -3.31 33.76
CA PRO B 491 5.33 -3.87 32.51
C PRO B 491 3.85 -3.54 32.40
N SER B 492 3.46 -3.00 31.26
CA SER B 492 2.07 -2.60 31.06
C SER B 492 1.34 -3.67 30.25
N GLY B 493 0.90 -3.34 29.05
CA GLY B 493 0.19 -4.30 28.22
C GLY B 493 1.15 -5.16 27.41
N LYS B 494 0.70 -6.36 27.09
CA LYS B 494 1.36 -7.22 26.13
C LYS B 494 0.29 -7.74 25.17
N TYR B 495 0.71 -8.03 23.94
CA TYR B 495 -0.24 -8.22 22.85
C TYR B 495 0.22 -9.37 21.97
N ASN B 496 -0.65 -10.36 21.79
CA ASN B 496 -0.34 -11.57 21.05
C ASN B 496 -0.75 -11.37 19.59
N VAL B 497 0.21 -11.56 18.68
CA VAL B 497 -0.06 -11.34 17.26
C VAL B 497 -1.26 -12.16 16.81
N GLY B 498 -1.24 -13.46 17.11
CA GLY B 498 -2.29 -14.35 16.61
C GLY B 498 -3.68 -13.93 17.05
N ASN B 499 -3.83 -13.61 18.33
CA ASN B 499 -5.15 -13.25 18.85
C ASN B 499 -5.60 -11.88 18.37
N LYS B 500 -4.66 -10.97 18.14
CA LYS B 500 -5.03 -9.61 17.72
C LYS B 500 -5.44 -9.54 16.26
N ILE B 501 -4.94 -10.45 15.42
CA ILE B 501 -5.32 -10.46 14.00
C ILE B 501 -6.43 -11.45 13.68
N GLY B 502 -6.82 -12.30 14.63
CA GLY B 502 -7.87 -13.26 14.41
C GLY B 502 -7.44 -14.41 13.51
O6 BU3 C . -1.96 6.74 -2.33
C3 BU3 C . -1.57 7.09 -1.04
C4 BU3 C . -2.35 8.33 -0.60
C2 BU3 C . -0.06 7.37 -1.04
O5 BU3 C . 0.38 7.55 0.28
C1 BU3 C . 0.24 8.62 -1.85
HO6 BU3 C . -1.75 5.92 -2.48
H3 BU3 C . -1.75 6.36 -0.42
H41 BU3 C . -1.90 8.73 0.16
H42 BU3 C . -3.25 8.07 -0.33
H43 BU3 C . -2.40 8.96 -1.33
H2 BU3 C . 0.40 6.62 -1.43
HO5 BU3 C . 0.72 6.82 0.57
H11 BU3 C . 1.18 8.62 -2.12
H12 BU3 C . 0.06 9.41 -1.32
H13 BU3 C . -0.32 8.63 -2.65
FE DHE D . 5.72 -2.34 -29.20
CHA DHE D . 6.43 -3.69 -26.12
CHB DHE D . 7.45 0.49 -28.38
CHC DHE D . 5.25 -1.15 -32.32
CHD DHE D . 3.69 -5.02 -29.89
NA DHE D . 6.76 -1.70 -27.52
C1A DHE D . 6.94 -2.42 -26.36
C2A DHE D . 7.71 -1.63 -25.47
C3A DHE D . 7.99 -0.45 -26.09
C4A DHE D . 7.41 -0.49 -27.40
CMA DHE D . 8.79 0.73 -25.57
CAA DHE D . 8.09 -2.07 -24.09
CBA DHE D . 6.99 -1.72 -23.18
CGA DHE D . 6.83 -2.44 -21.93
O1A DHE D . 6.37 -3.59 -21.94
O2A DHE D . 7.16 -1.87 -20.89
NB DHE D . 6.26 -0.60 -30.21
C1B DHE D . 7.10 0.33 -29.69
C2B DHE D . 7.37 1.38 -30.72
OMB DHE D . 8.04 2.38 -30.58
C3B DHE D . 6.65 0.95 -31.99
CGB DHE D . 7.78 0.49 -33.04
CAB DHE D . 5.79 1.98 -32.61
CBB DHE D . 4.78 2.62 -31.75
O1B DHE D . 3.93 3.36 -32.29
O2B DHE D . 4.78 2.41 -30.52
C4B DHE D . 5.94 -0.31 -31.49
NC DHE D . 4.74 -3.05 -30.88
C1C DHE D . 4.63 -2.33 -32.04
C2C DHE D . 3.47 -2.82 -32.81
OMC DHE D . 2.92 -2.27 -33.74
C3C DHE D . 3.08 -4.15 -32.23
CGC DHE D . 3.75 -5.27 -33.17
CAC DHE D . 1.61 -4.34 -32.13
CBC DHE D . 0.87 -3.31 -31.38
O1C DHE D . 0.05 -3.66 -30.51
O2C DHE D . 1.06 -2.10 -31.63
C4C DHE D . 3.86 -4.10 -30.91
ND DHE D . 5.17 -4.07 -28.17
C1D DHE D . 4.31 -5.04 -28.65
C2D DHE D . 4.20 -6.06 -27.63
C3D DHE D . 4.97 -5.67 -26.56
C4D DHE D . 5.58 -4.43 -26.90
CMD DHE D . 3.34 -7.30 -27.80
CAD DHE D . 5.19 -6.41 -25.31
CBD DHE D . 5.78 -7.54 -25.26
CGD DHE D . 6.51 -8.15 -24.16
O1D DHE D . 6.92 -9.31 -24.31
O2D DHE D . 6.70 -7.50 -23.11
HHA DHE D . 6.70 -4.09 -25.33
HHB DHE D . 7.75 1.33 -28.13
HHC DHE D . 5.18 -0.88 -33.21
HHD DHE D . 3.09 -5.70 -30.07
HMA1 DHE D . 8.99 1.57 -26.02
HMA2 DHE D . 8.62 1.26 -24.79
HMA3 DHE D . 9.72 0.74 -25.30
HAA1 DHE D . 8.31 -3.01 -24.04
HAA2 DHE D . 8.93 -1.70 -23.80
HBA1 DHE D . 7.04 -0.78 -22.99
HBA2 DHE D . 6.16 -1.77 -23.67
HGB1 DHE D . 7.32 0.17 -33.83
HGB2 DHE D . 8.31 1.27 -33.22
HGB3 DHE D . 8.30 -0.21 -32.60
HAB1 DHE D . 6.34 2.67 -33.01
HAB2 DHE D . 5.36 1.61 -33.39
HGC1 DHE D . 3.40 -6.13 -32.87
HGC2 DHE D . 3.47 -5.06 -34.07
HGC3 DHE D . 4.71 -5.20 -33.04
HAC1 DHE D . 1.23 -4.45 -33.01
HAC2 DHE D . 1.42 -5.21 -31.74
HMD1 DHE D . 3.25 -7.97 -27.11
HMD2 DHE D . 2.39 -7.27 -27.96
HMD3 DHE D . 3.48 -7.95 -28.49
HAD1 DHE D . 5.65 -5.80 -24.70
HAD2 DHE D . 4.32 -6.51 -24.88
FE HEC E . -14.74 5.82 -36.36
CHA HEC E . -12.29 3.60 -36.05
CHB HEC E . -12.72 7.91 -38.22
CHC HEC E . -17.42 7.95 -36.99
CHD HEC E . -16.57 4.32 -33.98
NA HEC E . -12.88 5.78 -37.02
C1A HEC E . -12.02 4.73 -36.78
C2A HEC E . -10.79 5.03 -37.39
C3A HEC E . -10.90 6.23 -38.00
C4A HEC E . -12.21 6.70 -37.76
CMA HEC E . -9.84 6.94 -38.78
CAA HEC E . -9.56 4.15 -37.37
CBA HEC E . -8.73 4.46 -36.12
CGA HEC E . -7.46 3.67 -36.04
O1A HEC E . -7.37 2.56 -36.59
O2A HEC E . -6.48 4.11 -35.41
NB HEC E . -15.01 7.61 -37.42
C1B HEC E . -14.07 8.26 -38.09
C2B HEC E . -14.63 9.43 -38.68
C3B HEC E . -15.95 9.47 -38.36
C4B HEC E . -16.18 8.26 -37.54
CMB HEC E . -13.87 10.43 -39.52
CAB HEC E . -17.01 10.43 -38.70
CBB HEC E . -17.26 10.30 -40.18
NC HEC E . -16.67 6.11 -35.63
C1C HEC E . -17.61 7.01 -36.00
C2C HEC E . -18.77 6.83 -35.22
C3C HEC E . -18.50 5.77 -34.36
C4C HEC E . -17.18 5.34 -34.63
CMC HEC E . -20.03 7.65 -35.35
CAC HEC E . -19.33 5.16 -33.31
CBC HEC E . -20.20 4.15 -34.00
ND HEC E . -14.49 4.31 -35.28
C1D HEC E . -15.33 3.83 -34.35
C2D HEC E . -14.77 2.64 -33.71
C3D HEC E . -13.59 2.42 -34.28
C4D HEC E . -13.41 3.50 -35.27
CMD HEC E . -15.45 1.83 -32.64
CAD HEC E . -12.63 1.31 -33.94
CBD HEC E . -12.71 0.16 -34.95
CGD HEC E . -11.82 -0.99 -34.56
O1D HEC E . -10.66 -1.07 -35.00
O2D HEC E . -12.23 -1.87 -33.79
HHA HEC E . -11.56 3.06 -35.83
HHB HEC E . -12.12 8.59 -38.36
HHC HEC E . -18.16 8.40 -37.33
HHD HEC E . -16.83 4.16 -33.09
HMA1 HEC E . -9.32 7.49 -38.17
HMA2 HEC E . -10.25 7.50 -39.45
HMA3 HEC E . -9.27 6.29 -39.21
HAA1 HEC E . -9.04 4.30 -38.13
HAA2 HEC E . -9.82 3.24 -37.35
HBA1 HEC E . -9.24 4.28 -35.36
HBA2 HEC E . -8.52 5.37 -36.12
HMB1 HEC E . -12.93 10.41 -39.27
HMB2 HEC E . -14.24 11.31 -39.37
HMB3 HEC E . -13.95 10.19 -40.46
HAB HEC E . -17.81 10.34 -38.17
HBB1 HEC E . -16.94 11.00 -40.78
HBB2 HEC E . -18.17 10.26 -40.51
HBB3 HEC E . -16.91 9.54 -40.66
HMC1 HEC E . -19.88 8.35 -36.00
HMC2 HEC E . -20.23 8.04 -34.48
HMC3 HEC E . -20.75 7.08 -35.64
HAC HEC E . -18.80 4.72 -32.61
HBC1 HEC E . -20.04 3.95 -34.94
HBC2 HEC E . -20.25 3.24 -33.68
HBC3 HEC E . -21.16 4.31 -34.08
HMD1 HEC E . -15.80 2.42 -31.95
HMD2 HEC E . -14.81 1.22 -32.24
HMD3 HEC E . -16.19 1.32 -33.02
HAD1 HEC E . -12.86 0.95 -33.06
HAD2 HEC E . -11.73 1.66 -33.92
HBD1 HEC E . -12.43 0.50 -35.82
HBD2 HEC E . -13.62 -0.15 -35.01
FE DHE F . -5.84 3.60 28.91
CHA DHE F . -6.13 1.46 26.22
CHB DHE F . -8.18 5.67 27.52
CHC DHE F . -5.57 5.69 31.54
CHD DHE F . -3.32 1.65 30.18
NA DHE F . -6.96 3.57 27.16
C1A DHE F . -6.92 2.59 26.19
C2A DHE F . -7.84 2.95 25.17
C3A DHE F . -8.43 4.14 25.53
C4A DHE F . -7.87 4.53 26.78
CMA DHE F . -9.47 4.96 24.80
CAA DHE F . -8.08 2.14 23.92
CBA DHE F . -7.04 2.44 22.94
CGA DHE F . -6.81 1.50 21.84
O1A DHE F . -6.52 0.32 22.08
O2A DHE F . -6.91 1.94 20.69
NB DHE F . -6.77 5.35 29.49
C1B DHE F . -7.81 5.92 28.81
C2B DHE F . -8.34 7.08 29.57
OMB DHE F . -9.22 7.84 29.22
C3B DHE F . -7.56 7.14 30.87
CGB DHE F . -8.58 6.68 32.01
CAB DHE F . -7.00 8.49 31.17
CBB DHE F . -6.17 9.11 30.12
O1B DHE F . -5.70 10.24 30.34
O2B DHE F . -5.95 8.51 29.05
C4B DHE F . -6.55 6.03 30.64
NC DHE F . -4.73 3.56 30.66
C1C DHE F . -4.79 4.57 31.59
C2C DHE F . -3.70 4.40 32.58
OMC DHE F . -3.40 5.16 33.47
C3C DHE F . -3.01 3.10 32.26
CGC DHE F . -3.47 2.07 33.42
CAC DHE F . -1.53 3.20 32.23
CBC DHE F . -0.93 4.16 31.28
O1C DHE F . 0.17 3.91 30.78
O2C DHE F . -1.55 5.19 30.99
C4C DHE F . -3.68 2.74 30.94
ND DHE F . -4.89 1.84 28.29
C1D DHE F . -3.88 1.21 28.97
C2D DHE F . -3.51 0.04 28.23
C3D DHE F . -4.30 0.00 27.10
C4D DHE F . -5.17 1.11 27.14
CMD DHE F . -2.42 -0.92 28.66
CAD DHE F . -4.31 -1.02 26.05
CBD DHE F . -4.40 -2.27 26.27
CGD DHE F . -5.22 -3.25 25.55
O1D DHE F . -5.24 -4.41 25.98
O2D DHE F . -5.83 -2.89 24.53
HHA DHE F . -6.25 0.84 25.53
HHB DHE F . -8.69 6.32 27.10
HHC DHE F . -5.41 6.30 32.22
HHD DHE F . -2.62 1.13 30.51
HMA1 DHE F . -9.89 5.78 25.09
HMA2 DHE F . -9.41 5.37 23.93
HMA3 DHE F . -10.35 4.68 24.52
HAA1 DHE F . -8.15 1.20 24.12
HAA2 DHE F . -8.97 2.28 23.56
HBA1 DHE F . -7.22 3.32 22.57
HBA2 DHE F . -6.21 2.58 23.40
HGB1 DHE F . -8.08 6.68 32.85
HGB2 DHE F . -9.31 7.32 32.02
HGB3 DHE F . -8.88 5.78 31.79
HAB1 DHE F . -7.72 9.09 31.40
HAB2 DHE F . -6.50 8.46 32.00
HGC1 DHE F . -2.95 1.26 33.27
HGC2 DHE F . -3.27 2.50 34.26
HGC3 DHE F . -4.42 1.92 33.28
HAC1 DHE F . -1.19 3.38 33.13
HAC2 DHE F . -1.14 2.32 32.10
HMD1 DHE F . -2.19 -1.71 28.15
HMD2 DHE F . -1.49 -0.66 28.76
HMD3 DHE F . -2.44 -1.40 29.50
FE HEC G . 12.44 17.05 33.00
CHA HEC G . 10.52 14.35 33.26
CHB HEC G . 9.98 19.01 34.44
CHC HEC G . 14.60 19.78 33.10
CHD HEC G . 14.58 15.47 30.96
NA HEC G . 10.61 16.76 33.71
C1A HEC G . 10.02 15.53 33.72
C2A HEC G . 8.74 15.65 34.30
C3A HEC G . 8.58 16.95 34.63
C4A HEC G . 9.74 17.65 34.26
CMA HEC G . 7.36 17.54 35.27
CAA HEC G . 7.76 14.51 34.49
CBA HEC G . 6.82 14.39 33.28
CGA HEC G . 5.79 13.30 33.45
O1A HEC G . 5.90 12.46 34.35
O2A HEC G . 4.82 13.25 32.68
NB HEC G . 12.31 19.04 33.66
C1B HEC G . 11.23 19.61 34.20
C2B HEC G . 11.52 20.96 34.52
C3B HEC G . 12.82 21.19 34.15
C4B HEC G . 13.30 19.92 33.60
CMB HEC G . 10.55 21.93 35.14
CAB HEC G . 13.66 22.42 34.23
CBB HEC G . 13.89 22.57 35.71
NC HEC G . 14.28 17.56 32.18
C1C HEC G . 15.00 18.71 32.32
C2C HEC G . 16.18 18.60 31.58
C3C HEC G . 16.17 17.36 30.97
C4C HEC G . 14.96 16.73 31.36
CMC HEC G . 17.24 19.68 31.50
CAC HEC G . 17.15 16.73 30.05
CBC HEC G . 18.30 16.25 30.89
ND HEC G . 12.54 15.32 32.28
C1D HEC G . 13.46 14.83 31.46
C2D HEC G . 13.19 13.43 31.12
C3D HEC G . 12.05 13.11 31.76
C4D HEC G . 11.66 14.33 32.48
CMD HEC G . 14.01 12.54 30.23
CAD HEC G . 11.35 11.77 31.71
CBD HEC G . 11.84 10.83 32.81
CGD HEC G . 11.26 9.44 32.68
O1D HEC G . 11.83 8.58 32.00
O2D HEC G . 10.20 9.14 33.28
HHA HEC G . 9.93 13.63 33.18
HHB HEC G . 9.24 19.57 34.43
HHC HEC G . 15.23 20.43 33.31
HHD HEC G . 14.88 15.20 30.12
HMA1 HEC G . 6.68 17.68 34.59
HMA2 HEC G . 7.59 18.38 35.68
HMA3 HEC G . 7.01 16.93 35.94
HAA1 HEC G . 7.24 14.69 35.26
HAA2 HEC G . 8.24 13.71 34.60
HBA1 HEC G . 7.33 14.21 32.52
HBA2 HEC G . 6.38 15.21 33.16
HMB1 HEC G . 9.65 21.57 35.05
HMB2 HEC G . 10.62 22.79 34.69
HMB3 HEC G . 10.77 22.04 36.08
HAB HEC G . 14.48 22.38 33.72
HBB1 HEC G . 13.81 21.81 36.29
HBB2 HEC G . 14.76 22.89 36.04
HBB3 HEC G . 13.34 23.19 36.22
HMC1 HEC G . 16.85 20.47 31.06
HMC2 HEC G . 17.98 19.35 30.97
HMC3 HEC G . 17.54 19.91 32.39
HAC HEC G . 16.77 16.02 29.51
HBC1 HEC G . 18.13 15.81 31.73
HBC2 HEC G . 18.92 15.60 30.53
HBC3 HEC G . 18.96 16.89 31.21
HMD1 HEC G . 14.61 13.08 29.70
HMD2 HEC G . 13.41 12.05 29.64
HMD3 HEC G . 14.51 11.92 30.77
HAD1 HEC G . 11.51 11.36 30.85
HAD2 HEC G . 10.40 11.92 31.82
HBD1 HEC G . 11.60 11.19 33.67
HBD2 HEC G . 12.81 10.77 32.75
#